data_2XPI
#
_entry.id   2XPI
#
_cell.length_a   54.400
_cell.length_b   151.920
_cell.length_c   91.870
_cell.angle_alpha   90.00
_cell.angle_beta   90.84
_cell.angle_gamma   90.00
#
_symmetry.space_group_name_H-M   'P 1 21 1'
#
loop_
_entity.id
_entity.type
_entity.pdbx_description
1 polymer 'ANAPHASE-PROMOTING COMPLEX SUBUNIT CUT9'
2 polymer 'ANAPHASE-PROMOTING COMPLEX SUBUNIT HCN1 HCN1/CDC26,20S CYCLOSOME/APC COMPLEX PROTEIN HCN1, CHAPERONE-LIKE PROTEIN HCN1, HIGH COPY SUPPRESSOR OF CUT9 PROTEIN 1'
3 non-polymer 'GOLD (I) CYANIDE ION'
4 water water
#
loop_
_entity_poly.entity_id
_entity_poly.type
_entity_poly.pdbx_seq_one_letter_code
_entity_poly.pdbx_strand_id
1 'polypeptide(L)'
;MVVKRTQTDSRMQSTPGNHNHPDAHANAAYMTPPSMGALNANNSNSQLSTLTISPMTYLANNTSTDGSFLKERNAQNTDS
LSREDYLRLWRHDALMQQQYKCAAFVGEKVLDITGNPNDAFWLAQVYCCTGDYARAKCLLTKEDLYNRSSACRYLAAFCL
VKLYDWQGALNLLGETNPFRKDEKNANKLLMQDGGIKLEASMCYLRGQVYTNLSNFDRAKECYKEALMVDAKCYEAFDQL
VSNHLLTADEEWDLVLKLNYSTYSKEDAAFLRSLYMLKLNKTSHEDELRRAEDYLSSINGLEKSSDLLLCKADTLFVRSR
FIDVLAITTKILEIDPYNLDVYPLHLASLHESGEKNKLYLISNDLVDRHPEKAVTWLAVGIYYLCVNKISEARRYFSKSS
TMDPQFGPAWIGFAHSFAIEGEHDQAISAYTTAARLFQGTHLPYLFLGMQHMQLGNILLANEYLQSSYALFQYDPLLLNE
LGVVAFNKSDMQTAINHFQNALLLVKKTQSNEKPWAATWANLGHAYRKLKMYDAAIDALNQGLLLSTNDANVHTAIALVY
LHKKIPGLAITHLHESLAISPNEIMASDLLKRALEEN
;
A,D
2 'polypeptide(L)'
;(ACE)MLRRNPTAIQITAEDVLAYDEEKLRQTLDSESTTEEALQKNEESTRLSPEKKKIIRERRIGITQIFDSSMHPSQG
GAAQS
;
B,E
#
# COMPACT_ATOMS: atom_id res chain seq x y z
N ASN A 45 -0.92 -32.32 4.65
CA ASN A 45 -0.79 -31.38 3.54
C ASN A 45 -1.35 -29.99 3.90
N SER A 46 -2.68 -29.90 3.99
CA SER A 46 -3.31 -28.69 4.47
C SER A 46 -3.21 -28.68 6.00
N GLN A 47 -2.62 -29.74 6.55
CA GLN A 47 -2.39 -29.84 7.98
C GLN A 47 -1.11 -29.10 8.35
N LEU A 48 -0.35 -28.67 7.37
CA LEU A 48 0.87 -27.94 7.68
C LEU A 48 0.76 -26.45 7.31
N SER A 49 1.80 -25.69 7.63
CA SER A 49 1.84 -24.26 7.33
C SER A 49 3.02 -23.93 6.43
N THR A 50 3.35 -22.66 6.30
CA THR A 50 4.46 -22.31 5.44
C THR A 50 5.81 -22.71 6.04
N LEU A 51 5.88 -22.82 7.37
CA LEU A 51 7.11 -23.26 8.00
C LEU A 51 7.69 -24.48 7.30
N THR A 52 6.83 -25.40 6.86
CA THR A 52 7.25 -26.60 6.13
C THR A 52 7.95 -26.31 4.78
N ILE A 53 7.57 -25.22 4.14
CA ILE A 53 8.14 -24.78 2.86
C ILE A 53 9.27 -23.77 3.03
N SER A 54 9.63 -23.42 4.25
CA SER A 54 10.69 -22.45 4.39
C SER A 54 12.02 -23.09 3.90
N PRO A 55 12.79 -22.35 3.09
CA PRO A 55 14.15 -22.79 2.72
C PRO A 55 14.95 -23.15 3.96
N MET A 56 14.70 -22.47 5.08
CA MET A 56 15.45 -22.72 6.30
C MET A 56 15.30 -24.12 6.86
N THR A 57 14.53 -24.99 6.20
CA THR A 57 14.38 -26.38 6.63
C THR A 57 15.64 -27.17 6.27
N TYR A 58 16.46 -26.59 5.40
CA TYR A 58 17.72 -27.19 5.03
C TYR A 58 18.57 -27.36 6.29
N LEU A 59 18.33 -26.54 7.29
CA LEU A 59 19.07 -26.63 8.55
C LEU A 59 18.90 -28.00 9.22
N ALA A 60 17.91 -28.76 8.78
CA ALA A 60 17.63 -30.09 9.34
C ALA A 60 18.16 -31.22 8.48
N SER A 82 24.10 -27.10 -2.98
CA SER A 82 23.07 -26.98 -4.01
C SER A 82 22.95 -25.54 -4.54
N ARG A 83 22.82 -25.37 -5.85
CA ARG A 83 22.61 -24.02 -6.39
C ARG A 83 21.20 -23.49 -6.12
N GLU A 84 20.20 -24.32 -6.38
CA GLU A 84 18.83 -23.96 -6.08
C GLU A 84 18.72 -23.60 -4.58
N ASP A 85 19.55 -24.24 -3.76
CA ASP A 85 19.54 -23.93 -2.33
C ASP A 85 20.22 -22.60 -1.94
N TYR A 86 21.22 -22.16 -2.70
CA TYR A 86 21.75 -20.81 -2.49
C TYR A 86 20.76 -19.77 -2.98
N LEU A 87 20.06 -20.08 -4.07
CA LEU A 87 19.09 -19.17 -4.65
C LEU A 87 17.95 -18.92 -3.68
N ARG A 88 17.40 -20.01 -3.16
CA ARG A 88 16.31 -19.94 -2.21
C ARG A 88 16.66 -19.22 -0.92
N LEU A 89 17.76 -19.57 -0.29
CA LEU A 89 18.23 -18.79 0.86
C LEU A 89 18.27 -17.32 0.53
N TRP A 90 18.78 -17.01 -0.66
CA TRP A 90 18.94 -15.64 -1.10
C TRP A 90 17.59 -14.95 -1.33
N ARG A 91 16.69 -15.61 -2.06
CA ARG A 91 15.35 -15.09 -2.26
C ARG A 91 14.69 -14.87 -0.91
N HIS A 92 14.82 -15.83 -0.01
CA HIS A 92 14.16 -15.73 1.28
C HIS A 92 14.58 -14.50 2.06
N ASP A 93 15.88 -14.25 2.07
CA ASP A 93 16.39 -13.15 2.86
C ASP A 93 16.01 -11.83 2.21
N ALA A 94 15.98 -11.80 0.88
CA ALA A 94 15.54 -10.59 0.18
C ALA A 94 14.13 -10.17 0.64
N LEU A 95 13.20 -11.11 0.56
CA LEU A 95 11.84 -10.97 1.03
C LEU A 95 11.86 -10.37 2.42
N MET A 96 12.51 -11.07 3.34
CA MET A 96 12.57 -10.70 4.73
C MET A 96 13.10 -9.29 4.88
N GLN A 97 13.98 -8.87 3.97
CA GLN A 97 14.59 -7.55 4.09
C GLN A 97 13.87 -6.54 3.22
N GLN A 98 12.75 -6.95 2.64
CA GLN A 98 11.91 -6.05 1.85
C GLN A 98 12.67 -5.44 0.71
N GLN A 99 13.61 -6.21 0.19
CA GLN A 99 14.28 -5.87 -1.04
C GLN A 99 13.58 -6.71 -2.11
N TYR A 100 12.51 -6.16 -2.65
CA TYR A 100 11.57 -6.93 -3.46
C TYR A 100 11.97 -7.06 -4.94
N LYS A 101 12.71 -6.09 -5.46
CA LYS A 101 13.19 -6.20 -6.83
C LYS A 101 14.13 -7.40 -6.89
N CYS A 102 14.91 -7.57 -5.83
CA CYS A 102 15.87 -8.64 -5.71
C CYS A 102 15.24 -10.01 -5.52
N ALA A 103 14.25 -10.09 -4.64
CA ALA A 103 13.56 -11.36 -4.38
C ALA A 103 12.75 -11.86 -5.58
N ALA A 104 12.16 -10.93 -6.32
CA ALA A 104 11.51 -11.26 -7.59
C ALA A 104 12.55 -11.74 -8.59
N PHE A 105 13.70 -11.07 -8.63
CA PHE A 105 14.75 -11.46 -9.55
C PHE A 105 15.26 -12.88 -9.28
N VAL A 106 15.51 -13.20 -8.02
CA VAL A 106 16.08 -14.50 -7.68
C VAL A 106 15.01 -15.56 -7.74
N GLY A 107 13.81 -15.21 -7.25
CA GLY A 107 12.67 -16.11 -7.23
C GLY A 107 12.23 -16.53 -8.61
N GLU A 108 12.31 -15.62 -9.57
CA GLU A 108 12.00 -15.95 -10.95
C GLU A 108 13.04 -16.95 -11.54
N LYS A 109 14.31 -16.81 -11.17
CA LYS A 109 15.32 -17.76 -11.68
C LYS A 109 15.24 -19.19 -11.13
N VAL A 110 14.91 -19.33 -9.84
CA VAL A 110 14.75 -20.66 -9.23
C VAL A 110 13.51 -21.38 -9.74
N LEU A 111 12.46 -20.63 -10.01
CA LEU A 111 11.22 -21.21 -10.51
C LEU A 111 11.44 -21.66 -11.95
N ASP A 112 12.13 -20.83 -12.73
CA ASP A 112 12.50 -21.21 -14.10
C ASP A 112 13.27 -22.53 -14.11
N ILE A 113 14.23 -22.68 -13.20
CA ILE A 113 15.02 -23.89 -13.11
C ILE A 113 14.22 -25.13 -12.66
N THR A 114 13.50 -24.99 -11.57
CA THR A 114 12.96 -26.13 -10.82
C THR A 114 11.49 -26.49 -11.16
N GLY A 115 10.67 -25.49 -11.41
CA GLY A 115 9.26 -25.71 -11.65
C GLY A 115 8.53 -26.18 -10.41
N ASN A 116 9.20 -26.09 -9.25
CA ASN A 116 8.61 -26.51 -7.97
C ASN A 116 7.49 -25.60 -7.47
N PRO A 117 6.35 -26.19 -7.11
CA PRO A 117 5.26 -25.43 -6.50
C PRO A 117 5.72 -24.52 -5.36
N ASN A 118 6.55 -25.03 -4.45
CA ASN A 118 7.06 -24.22 -3.36
C ASN A 118 7.79 -22.98 -3.84
N ASP A 119 8.42 -23.07 -5.00
CA ASP A 119 9.10 -21.91 -5.55
C ASP A 119 8.12 -20.93 -6.17
N ALA A 120 7.09 -21.45 -6.83
CA ALA A 120 5.99 -20.63 -7.32
C ALA A 120 5.31 -19.91 -6.16
N PHE A 121 5.11 -20.61 -5.06
CA PHE A 121 4.52 -19.98 -3.89
C PHE A 121 5.33 -18.77 -3.43
N TRP A 122 6.61 -18.99 -3.20
CA TRP A 122 7.46 -17.96 -2.62
C TRP A 122 7.64 -16.78 -3.57
N LEU A 123 7.62 -17.07 -4.87
CA LEU A 123 7.68 -16.01 -5.89
C LEU A 123 6.39 -15.21 -5.82
N ALA A 124 5.28 -15.92 -5.78
CA ALA A 124 3.96 -15.32 -5.61
C ALA A 124 3.91 -14.40 -4.38
N GLN A 125 4.55 -14.84 -3.29
CA GLN A 125 4.62 -14.06 -2.05
C GLN A 125 5.20 -12.69 -2.28
N VAL A 126 6.29 -12.65 -3.04
CA VAL A 126 6.98 -11.42 -3.34
C VAL A 126 6.00 -10.47 -4.04
N TYR A 127 5.30 -10.97 -5.04
CA TYR A 127 4.34 -10.14 -5.76
C TYR A 127 3.29 -9.57 -4.84
N CYS A 128 2.86 -10.34 -3.85
CA CYS A 128 1.85 -9.88 -2.91
C CYS A 128 2.35 -8.76 -2.03
N CYS A 129 3.63 -8.82 -1.68
CA CYS A 129 4.25 -7.75 -0.89
C CYS A 129 4.35 -6.47 -1.67
N THR A 130 4.27 -6.59 -2.98
CA THR A 130 4.42 -5.46 -3.89
C THR A 130 3.03 -4.98 -4.29
N GLY A 131 2.01 -5.69 -3.80
CA GLY A 131 0.64 -5.38 -4.14
C GLY A 131 0.17 -5.85 -5.52
N ASP A 132 1.03 -6.56 -6.24
CA ASP A 132 0.69 -7.11 -7.56
C ASP A 132 -0.08 -8.40 -7.38
N TYR A 133 -1.33 -8.26 -6.98
CA TYR A 133 -2.18 -9.40 -6.65
C TYR A 133 -2.65 -10.12 -7.88
N ALA A 134 -3.04 -9.38 -8.90
CA ALA A 134 -3.36 -10.01 -10.18
C ALA A 134 -2.16 -10.85 -10.64
N ARG A 135 -0.95 -10.30 -10.53
CA ARG A 135 0.22 -11.02 -11.00
C ARG A 135 0.51 -12.34 -10.27
N ALA A 136 0.51 -12.32 -8.94
CA ALA A 136 0.60 -13.55 -8.16
C ALA A 136 -0.54 -14.49 -8.53
N LYS A 137 -1.76 -13.97 -8.59
CA LYS A 137 -2.89 -14.83 -8.91
C LYS A 137 -2.59 -15.55 -10.21
N CYS A 138 -2.19 -14.81 -11.24
CA CYS A 138 -1.95 -15.44 -12.53
C CYS A 138 -0.87 -16.51 -12.38
N LEU A 139 0.23 -16.18 -11.73
CA LEU A 139 1.34 -17.12 -11.64
C LEU A 139 0.88 -18.45 -11.01
N LEU A 140 0.07 -18.36 -9.95
CA LEU A 140 -0.41 -19.54 -9.24
C LEU A 140 -1.53 -20.27 -9.99
N THR A 141 -2.12 -19.60 -10.96
CA THR A 141 -3.17 -20.17 -11.80
C THR A 141 -2.61 -20.93 -12.99
N LYS A 142 -1.59 -20.35 -13.61
CA LYS A 142 -1.00 -20.85 -14.85
C LYS A 142 -0.94 -22.37 -14.94
N GLU A 143 -0.22 -23.00 -14.02
CA GLU A 143 0.09 -24.43 -14.13
C GLU A 143 -0.89 -25.31 -13.36
N ASP A 144 -2.01 -24.73 -12.96
CA ASP A 144 -2.93 -25.34 -12.00
C ASP A 144 -2.20 -25.72 -10.69
N LEU A 145 -1.24 -24.87 -10.32
CA LEU A 145 -0.53 -24.93 -9.04
C LEU A 145 -1.46 -25.15 -7.85
N TYR A 146 -2.52 -24.36 -7.77
CA TYR A 146 -3.43 -24.39 -6.62
C TYR A 146 -3.94 -25.80 -6.34
N ASN A 147 -3.86 -26.67 -7.35
CA ASN A 147 -4.28 -28.05 -7.20
C ASN A 147 -3.20 -28.96 -6.64
N ARG A 148 -1.96 -28.49 -6.66
CA ARG A 148 -0.84 -29.35 -6.33
C ARG A 148 -0.16 -28.87 -5.05
N SER A 149 -0.68 -27.80 -4.47
CA SER A 149 -0.06 -27.20 -3.30
C SER A 149 -1.13 -26.50 -2.46
N SER A 150 -1.18 -26.76 -1.17
CA SER A 150 -2.15 -26.07 -0.30
C SER A 150 -1.74 -24.62 -0.06
N ALA A 151 -0.42 -24.39 0.01
CA ALA A 151 0.08 -23.04 0.15
C ALA A 151 -0.31 -22.21 -1.06
N CYS A 152 -0.20 -22.82 -2.24
CA CYS A 152 -0.54 -22.11 -3.47
C CYS A 152 -2.04 -21.84 -3.54
N ARG A 153 -2.84 -22.77 -3.02
CA ARG A 153 -4.28 -22.56 -2.95
C ARG A 153 -4.63 -21.43 -1.98
N TYR A 154 -4.06 -21.50 -0.77
CA TYR A 154 -4.21 -20.40 0.15
C TYR A 154 -3.87 -19.05 -0.49
N LEU A 155 -2.70 -18.98 -1.14
CA LEU A 155 -2.21 -17.69 -1.62
C LEU A 155 -2.99 -17.17 -2.83
N ALA A 156 -3.39 -18.07 -3.72
CA ALA A 156 -4.23 -17.69 -4.85
C ALA A 156 -5.57 -17.16 -4.35
N ALA A 157 -6.17 -17.86 -3.39
CA ALA A 157 -7.42 -17.41 -2.79
C ALA A 157 -7.24 -16.06 -2.13
N PHE A 158 -6.14 -15.92 -1.39
CA PHE A 158 -5.83 -14.68 -0.71
C PHE A 158 -5.77 -13.51 -1.69
N CYS A 159 -5.20 -13.73 -2.88
CA CYS A 159 -5.09 -12.67 -3.89
C CYS A 159 -6.44 -12.36 -4.46
N LEU A 160 -7.25 -13.40 -4.63
CA LEU A 160 -8.56 -13.26 -5.19
C LEU A 160 -9.38 -12.37 -4.26
N VAL A 161 -9.29 -12.62 -2.96
CA VAL A 161 -9.93 -11.77 -1.96
C VAL A 161 -9.42 -10.32 -2.03
N LYS A 162 -8.11 -10.15 -2.19
CA LYS A 162 -7.53 -8.81 -2.37
C LYS A 162 -8.06 -8.13 -3.63
N LEU A 163 -8.54 -8.94 -4.56
CA LEU A 163 -9.06 -8.45 -5.84
C LEU A 163 -10.57 -8.29 -5.78
N TYR A 164 -11.17 -8.70 -4.67
CA TYR A 164 -12.61 -8.58 -4.49
C TYR A 164 -13.37 -9.57 -5.37
N ASP A 165 -12.65 -10.57 -5.87
CA ASP A 165 -13.25 -11.61 -6.68
C ASP A 165 -13.85 -12.66 -5.76
N TRP A 166 -15.14 -12.51 -5.43
CA TRP A 166 -15.73 -13.31 -4.36
C TRP A 166 -16.10 -14.72 -4.80
N GLN A 167 -16.65 -14.84 -5.99
CA GLN A 167 -16.98 -16.15 -6.56
C GLN A 167 -15.70 -16.91 -6.95
N GLY A 168 -14.74 -16.21 -7.53
CA GLY A 168 -13.44 -16.80 -7.80
C GLY A 168 -12.89 -17.46 -6.55
N ALA A 169 -12.71 -16.65 -5.50
CA ALA A 169 -12.20 -17.14 -4.21
C ALA A 169 -12.99 -18.35 -3.70
N LEU A 170 -14.30 -18.34 -3.89
CA LEU A 170 -15.13 -19.44 -3.43
C LEU A 170 -14.96 -20.70 -4.28
N ASN A 171 -14.80 -20.53 -5.60
CA ASN A 171 -14.41 -21.65 -6.47
C ASN A 171 -13.14 -22.36 -5.96
N LEU A 172 -12.14 -21.57 -5.55
CA LEU A 172 -10.88 -22.11 -5.07
C LEU A 172 -10.94 -22.71 -3.66
N LEU A 173 -11.69 -22.07 -2.77
CA LEU A 173 -11.79 -22.52 -1.37
C LEU A 173 -12.87 -23.57 -1.15
N GLY A 174 -13.97 -23.47 -1.89
CA GLY A 174 -15.17 -24.26 -1.61
C GLY A 174 -16.06 -23.47 -0.69
N GLU A 175 -17.37 -23.70 -0.77
CA GLU A 175 -18.36 -22.93 0.02
C GLU A 175 -18.37 -23.36 1.48
N THR A 176 -17.80 -24.54 1.73
CA THR A 176 -17.56 -25.02 3.07
C THR A 176 -16.24 -25.80 3.10
N ASN A 177 -15.71 -26.02 4.29
CA ASN A 177 -14.45 -26.73 4.47
C ASN A 177 -14.38 -28.08 3.75
N PRO A 178 -13.56 -28.17 2.69
CA PRO A 178 -13.35 -29.42 1.94
C PRO A 178 -12.70 -30.52 2.79
N PHE A 179 -11.79 -30.16 3.69
CA PHE A 179 -11.12 -31.13 4.54
C PHE A 179 -11.96 -31.50 5.76
N ARG A 180 -13.29 -31.52 5.58
CA ARG A 180 -14.25 -31.90 6.62
C ARG A 180 -14.60 -30.74 7.55
N MET A 191 1.45 -33.81 10.54
CA MET A 191 0.78 -33.53 11.82
C MET A 191 0.83 -32.05 12.26
N GLN A 192 1.99 -31.57 12.71
CA GLN A 192 2.17 -30.18 13.17
C GLN A 192 3.61 -29.66 13.05
N ASP A 193 3.77 -28.49 12.43
CA ASP A 193 5.10 -27.90 12.20
C ASP A 193 5.42 -26.60 12.98
N GLY A 194 4.44 -26.04 13.67
CA GLY A 194 4.68 -24.88 14.50
C GLY A 194 3.89 -23.66 14.04
N GLY A 195 3.41 -23.68 12.79
CA GLY A 195 2.61 -22.61 12.23
C GLY A 195 1.14 -22.92 12.24
N ILE A 196 0.33 -21.99 11.73
CA ILE A 196 -1.13 -22.16 11.59
C ILE A 196 -1.44 -23.18 10.51
N LYS A 197 -2.29 -24.16 10.78
CA LYS A 197 -2.60 -25.17 9.75
C LYS A 197 -3.24 -24.46 8.59
N LEU A 198 -2.72 -24.69 7.39
CA LEU A 198 -3.29 -24.03 6.22
C LEU A 198 -4.80 -24.31 6.10
N GLU A 199 -5.24 -25.46 6.62
CA GLU A 199 -6.66 -25.72 6.68
C GLU A 199 -7.40 -24.62 7.45
N ALA A 200 -6.82 -24.17 8.57
CA ALA A 200 -7.45 -23.11 9.34
C ALA A 200 -7.51 -21.85 8.51
N SER A 201 -6.36 -21.46 7.97
CA SER A 201 -6.23 -20.21 7.22
C SER A 201 -7.20 -20.09 6.07
N MET A 202 -7.50 -21.21 5.43
CA MET A 202 -8.45 -21.17 4.31
C MET A 202 -9.93 -21.01 4.78
N CYS A 203 -10.25 -21.51 5.97
CA CYS A 203 -11.59 -21.28 6.53
C CYS A 203 -11.72 -19.82 6.92
N TYR A 204 -10.61 -19.24 7.36
CA TYR A 204 -10.61 -17.83 7.71
C TYR A 204 -10.89 -17.06 6.45
N LEU A 205 -10.26 -17.50 5.37
CA LEU A 205 -10.38 -16.80 4.10
C LEU A 205 -11.81 -16.92 3.64
N ARG A 206 -12.35 -18.13 3.76
CA ARG A 206 -13.76 -18.36 3.44
C ARG A 206 -14.67 -17.49 4.30
N GLY A 207 -14.28 -17.26 5.54
CA GLY A 207 -15.01 -16.37 6.41
C GLY A 207 -15.01 -14.96 5.86
N GLN A 208 -13.85 -14.49 5.39
CA GLN A 208 -13.71 -13.14 4.84
C GLN A 208 -14.61 -12.91 3.63
N VAL A 209 -14.74 -13.94 2.80
CA VAL A 209 -15.59 -13.88 1.62
C VAL A 209 -17.05 -13.72 2.05
N TYR A 210 -17.50 -14.65 2.89
CA TYR A 210 -18.89 -14.64 3.36
C TYR A 210 -19.28 -13.32 4.03
N THR A 211 -18.33 -12.69 4.70
CA THR A 211 -18.58 -11.38 5.27
C THR A 211 -18.89 -10.39 4.17
N ASN A 212 -18.15 -10.47 3.07
CA ASN A 212 -18.31 -9.53 1.97
C ASN A 212 -19.52 -9.80 1.12
N LEU A 213 -20.06 -11.01 1.21
CA LEU A 213 -21.34 -11.33 0.58
C LEU A 213 -22.50 -11.12 1.57
N SER A 214 -22.13 -10.72 2.79
CA SER A 214 -23.09 -10.44 3.84
C SER A 214 -23.88 -11.69 4.25
N ASN A 215 -23.24 -12.86 4.17
CA ASN A 215 -23.76 -14.05 4.83
C ASN A 215 -23.07 -14.15 6.17
N PHE A 216 -23.40 -13.22 7.05
CA PHE A 216 -22.79 -13.20 8.38
C PHE A 216 -22.98 -14.49 9.18
N ASP A 217 -24.03 -15.28 8.90
CA ASP A 217 -24.20 -16.57 9.59
C ASP A 217 -23.20 -17.64 9.13
N ARG A 218 -22.90 -17.65 7.83
CA ARG A 218 -21.98 -18.62 7.30
C ARG A 218 -20.53 -18.22 7.59
N ALA A 219 -20.33 -16.91 7.73
CA ALA A 219 -19.03 -16.31 8.05
C ALA A 219 -18.67 -16.67 9.48
N LYS A 220 -19.67 -16.63 10.36
CA LYS A 220 -19.51 -16.98 11.75
C LYS A 220 -19.08 -18.43 11.84
N GLU A 221 -19.80 -19.31 11.15
CA GLU A 221 -19.51 -20.74 11.18
C GLU A 221 -18.16 -20.96 10.56
N CYS A 222 -17.98 -20.38 9.38
CA CYS A 222 -16.76 -20.64 8.64
C CYS A 222 -15.48 -20.03 9.39
N TYR A 223 -15.65 -18.98 10.22
CA TYR A 223 -14.59 -18.50 11.17
C TYR A 223 -14.44 -19.32 12.46
N LYS A 224 -15.56 -19.84 12.98
CA LYS A 224 -15.53 -20.76 14.11
C LYS A 224 -14.70 -21.98 13.72
N GLU A 225 -14.85 -22.42 12.48
CA GLU A 225 -14.16 -23.62 12.05
C GLU A 225 -12.65 -23.45 12.07
N ALA A 226 -12.16 -22.30 11.59
CA ALA A 226 -10.74 -22.00 11.65
C ALA A 226 -10.21 -22.27 13.06
N LEU A 227 -10.85 -21.67 14.05
CA LEU A 227 -10.41 -21.78 15.45
C LEU A 227 -10.46 -23.22 15.96
N MET A 228 -11.53 -23.95 15.69
CA MET A 228 -11.57 -25.35 16.11
C MET A 228 -10.44 -26.13 15.47
N VAL A 229 -10.17 -25.84 14.19
CA VAL A 229 -9.10 -26.53 13.46
C VAL A 229 -7.69 -26.25 14.04
N ASP A 230 -7.43 -24.99 14.38
CA ASP A 230 -6.15 -24.61 14.97
C ASP A 230 -6.37 -23.39 15.85
N ALA A 231 -6.19 -23.57 17.15
CA ALA A 231 -6.38 -22.51 18.11
C ALA A 231 -5.50 -21.29 17.84
N LYS A 232 -4.54 -21.41 16.93
CA LYS A 232 -3.60 -20.32 16.69
C LYS A 232 -4.12 -19.33 15.65
N CYS A 233 -5.20 -19.67 14.97
CA CYS A 233 -5.82 -18.74 14.02
C CYS A 233 -6.52 -17.56 14.71
N TYR A 234 -5.73 -16.68 15.28
CA TYR A 234 -6.23 -15.50 15.93
C TYR A 234 -6.84 -14.44 14.96
N GLU A 235 -6.55 -14.48 13.66
CA GLU A 235 -7.18 -13.53 12.75
C GLU A 235 -8.68 -13.81 12.73
N ALA A 236 -9.04 -15.09 12.83
CA ALA A 236 -10.44 -15.51 12.91
C ALA A 236 -11.11 -15.03 14.21
N PHE A 237 -10.52 -15.36 15.35
CA PHE A 237 -10.95 -14.91 16.66
C PHE A 237 -11.14 -13.40 16.66
N ASP A 238 -10.14 -12.70 16.16
CA ASP A 238 -10.23 -11.26 16.12
C ASP A 238 -11.40 -10.80 15.24
N GLN A 239 -11.69 -11.51 14.14
CA GLN A 239 -12.86 -11.18 13.34
C GLN A 239 -14.15 -11.46 14.11
N LEU A 240 -14.31 -12.67 14.65
CA LEU A 240 -15.49 -13.00 15.44
C LEU A 240 -15.74 -11.94 16.49
N VAL A 241 -14.77 -11.72 17.36
CA VAL A 241 -14.88 -10.73 18.41
C VAL A 241 -15.08 -9.28 17.94
N SER A 242 -14.33 -8.85 16.93
CA SER A 242 -14.45 -7.48 16.42
C SER A 242 -15.69 -7.18 15.59
N ASN A 243 -16.22 -8.20 14.92
CA ASN A 243 -17.44 -8.05 14.13
C ASN A 243 -18.65 -8.46 14.96
N HIS A 244 -18.38 -8.75 16.24
CA HIS A 244 -19.41 -9.09 17.22
C HIS A 244 -20.37 -10.13 16.65
N LEU A 245 -19.81 -11.11 15.94
CA LEU A 245 -20.63 -12.18 15.38
C LEU A 245 -21.12 -13.15 16.46
N LEU A 246 -20.61 -13.02 17.67
CA LEU A 246 -20.99 -13.92 18.75
C LEU A 246 -21.66 -13.24 19.95
N THR A 247 -22.53 -13.97 20.63
CA THR A 247 -23.05 -13.49 21.90
C THR A 247 -22.01 -13.76 22.99
N ALA A 248 -22.08 -13.00 24.07
CA ALA A 248 -21.16 -13.20 25.18
C ALA A 248 -20.98 -14.69 25.53
N ASP A 249 -22.09 -15.42 25.60
CA ASP A 249 -22.08 -16.86 25.90
C ASP A 249 -21.35 -17.64 24.82
N GLU A 250 -21.76 -17.47 23.57
CA GLU A 250 -21.13 -18.15 22.45
C GLU A 250 -19.60 -18.02 22.47
N GLU A 251 -19.10 -16.83 22.82
CA GLU A 251 -17.67 -16.57 22.86
C GLU A 251 -16.95 -17.39 23.92
N TRP A 252 -17.52 -17.48 25.11
CA TRP A 252 -16.96 -18.31 26.16
C TRP A 252 -17.02 -19.79 25.82
N ASP A 253 -18.15 -20.24 25.30
CA ASP A 253 -18.24 -21.64 24.91
C ASP A 253 -17.24 -21.97 23.79
N LEU A 254 -16.93 -20.98 22.96
CA LEU A 254 -16.01 -21.21 21.89
C LEU A 254 -14.63 -21.45 22.50
N VAL A 255 -14.11 -20.50 23.27
CA VAL A 255 -12.73 -20.66 23.74
C VAL A 255 -12.57 -21.81 24.72
N LEU A 256 -13.64 -22.12 25.44
CA LEU A 256 -13.59 -23.23 26.38
C LEU A 256 -13.52 -24.57 25.67
N LYS A 257 -14.05 -24.66 24.46
CA LYS A 257 -14.12 -25.93 23.76
C LYS A 257 -13.02 -26.11 22.71
N LEU A 258 -12.26 -25.05 22.49
CA LEU A 258 -11.10 -25.09 21.58
C LEU A 258 -10.05 -26.18 21.98
N ASN A 259 -9.31 -26.67 20.99
CA ASN A 259 -8.32 -27.72 21.20
C ASN A 259 -6.90 -27.14 21.26
N TYR A 260 -6.47 -26.80 22.47
CA TYR A 260 -5.26 -26.04 22.62
C TYR A 260 -3.97 -26.82 22.30
N SER A 261 -4.10 -28.12 22.09
CA SER A 261 -2.94 -28.93 21.71
C SER A 261 -2.41 -28.52 20.33
N THR A 262 -3.24 -27.83 19.57
CA THR A 262 -2.80 -27.33 18.28
C THR A 262 -1.87 -26.13 18.49
N TYR A 263 -1.87 -25.57 19.69
CA TYR A 263 -0.80 -24.66 20.12
C TYR A 263 0.30 -25.47 20.79
N SER A 264 -0.02 -26.02 21.95
CA SER A 264 0.91 -26.85 22.72
C SER A 264 0.13 -27.57 23.83
N LYS A 265 0.04 -28.89 23.75
CA LYS A 265 -0.71 -29.64 24.76
C LYS A 265 -0.31 -29.23 26.17
N GLU A 266 1.00 -29.08 26.38
CA GLU A 266 1.56 -28.86 27.71
C GLU A 266 1.45 -27.41 28.22
N ASP A 267 1.25 -26.46 27.33
CA ASP A 267 1.14 -25.06 27.72
C ASP A 267 -0.23 -24.50 27.33
N ALA A 268 -1.25 -25.37 27.35
CA ALA A 268 -2.56 -25.01 26.86
C ALA A 268 -3.17 -23.86 27.64
N ALA A 269 -2.88 -23.80 28.93
CA ALA A 269 -3.52 -22.83 29.80
C ALA A 269 -3.06 -21.42 29.51
N PHE A 270 -1.85 -21.28 29.00
CA PHE A 270 -1.31 -19.97 28.69
C PHE A 270 -2.10 -19.33 27.56
N LEU A 271 -2.27 -20.04 26.46
CA LEU A 271 -3.00 -19.47 25.34
C LEU A 271 -4.47 -19.28 25.70
N ARG A 272 -5.09 -20.27 26.31
CA ARG A 272 -6.48 -20.14 26.73
C ARG A 272 -6.72 -18.91 27.61
N SER A 273 -5.81 -18.65 28.56
CA SER A 273 -5.93 -17.46 29.42
C SER A 273 -5.82 -16.17 28.60
N LEU A 274 -4.92 -16.16 27.62
CA LEU A 274 -4.82 -15.01 26.72
C LEU A 274 -6.13 -14.72 26.04
N TYR A 275 -6.79 -15.77 25.54
CA TYR A 275 -8.06 -15.61 24.83
C TYR A 275 -9.17 -15.10 25.76
N MET A 276 -9.28 -15.70 26.93
CA MET A 276 -10.25 -15.26 27.91
C MET A 276 -10.14 -13.78 28.24
N LEU A 277 -8.93 -13.22 28.15
CA LEU A 277 -8.75 -11.79 28.41
C LEU A 277 -9.48 -10.92 27.39
N LYS A 278 -9.82 -11.50 26.23
CA LYS A 278 -10.50 -10.75 25.16
C LYS A 278 -12.02 -10.68 25.38
N LEU A 279 -12.50 -11.41 26.39
CA LEU A 279 -13.89 -11.79 26.49
C LEU A 279 -14.72 -10.96 27.44
N ASN A 280 -16.00 -11.30 27.53
CA ASN A 280 -16.92 -10.63 28.45
C ASN A 280 -16.47 -10.71 29.90
N LYS A 281 -16.19 -9.54 30.46
CA LYS A 281 -15.67 -9.42 31.82
C LYS A 281 -16.61 -9.91 32.93
N THR A 282 -17.93 -9.84 32.70
CA THR A 282 -18.90 -10.03 33.78
C THR A 282 -19.42 -11.46 34.00
N SER A 283 -19.63 -12.20 32.92
CA SER A 283 -20.37 -13.47 32.99
C SER A 283 -19.61 -14.64 33.64
N HIS A 284 -18.30 -14.66 33.46
CA HIS A 284 -17.48 -15.75 33.95
C HIS A 284 -16.35 -15.19 34.80
N GLU A 285 -16.74 -14.43 35.82
CA GLU A 285 -15.81 -13.70 36.68
C GLU A 285 -14.69 -14.58 37.25
N ASP A 286 -14.98 -15.87 37.36
CA ASP A 286 -14.15 -16.84 38.04
C ASP A 286 -13.02 -17.42 37.16
N GLU A 287 -13.41 -18.01 36.02
CA GLU A 287 -12.43 -18.50 35.06
C GLU A 287 -11.51 -17.36 34.71
N LEU A 288 -12.07 -16.16 34.70
CA LEU A 288 -11.35 -14.97 34.29
C LEU A 288 -10.37 -14.49 35.34
N ARG A 289 -10.62 -14.80 36.61
CA ARG A 289 -9.76 -14.29 37.68
C ARG A 289 -8.52 -15.14 37.87
N ARG A 290 -8.59 -16.41 37.50
CA ARG A 290 -7.43 -17.28 37.58
C ARG A 290 -6.57 -17.15 36.33
N ALA A 291 -7.22 -16.82 35.22
CA ALA A 291 -6.53 -16.54 33.97
C ALA A 291 -5.69 -15.30 34.16
N GLU A 292 -6.29 -14.32 34.83
CA GLU A 292 -5.63 -13.06 35.11
C GLU A 292 -4.53 -13.27 36.15
N ASP A 293 -4.73 -14.24 37.04
CA ASP A 293 -3.71 -14.51 38.03
C ASP A 293 -2.55 -15.30 37.44
N TYR A 294 -2.88 -16.36 36.72
CA TYR A 294 -1.88 -17.16 36.02
C TYR A 294 -0.96 -16.27 35.17
N LEU A 295 -1.55 -15.37 34.38
CA LEU A 295 -0.75 -14.52 33.49
C LEU A 295 0.08 -13.46 34.21
N SER A 296 -0.41 -12.98 35.35
CA SER A 296 0.37 -12.05 36.18
C SER A 296 1.55 -12.73 36.87
N SER A 297 1.46 -14.04 37.09
CA SER A 297 2.57 -14.79 37.63
C SER A 297 3.67 -15.07 36.59
N ILE A 298 3.34 -14.87 35.31
CA ILE A 298 4.31 -15.00 34.24
C ILE A 298 5.14 -13.72 34.19
N ASN A 299 6.45 -13.88 34.40
CA ASN A 299 7.32 -12.72 34.39
C ASN A 299 7.29 -11.98 33.06
N GLY A 300 6.89 -10.72 33.08
CA GLY A 300 6.96 -9.89 31.89
C GLY A 300 5.60 -9.44 31.38
N LEU A 301 4.57 -10.19 31.72
CA LEU A 301 3.24 -9.88 31.20
C LEU A 301 2.53 -8.77 31.97
N GLU A 302 2.97 -8.52 33.20
CA GLU A 302 2.35 -7.47 34.00
C GLU A 302 2.35 -6.13 33.27
N LYS A 303 3.21 -6.01 32.26
CA LYS A 303 3.34 -4.78 31.49
C LYS A 303 2.70 -4.94 30.13
N SER A 304 1.93 -6.01 29.95
CA SER A 304 1.28 -6.28 28.66
C SER A 304 0.00 -5.43 28.50
N SER A 305 -0.14 -4.82 27.34
CA SER A 305 -1.31 -3.99 27.05
C SER A 305 -2.63 -4.78 27.16
N ASP A 306 -2.65 -6.00 26.62
CA ASP A 306 -3.84 -6.86 26.68
C ASP A 306 -4.22 -7.24 28.11
N LEU A 307 -3.24 -7.48 28.97
CA LEU A 307 -3.51 -7.84 30.35
C LEU A 307 -4.02 -6.65 31.16
N LEU A 308 -3.43 -5.48 30.92
CA LEU A 308 -3.81 -4.30 31.66
C LEU A 308 -5.23 -3.90 31.27
N LEU A 309 -5.58 -4.19 30.03
CA LEU A 309 -6.93 -4.00 29.57
C LEU A 309 -8.06 -4.94 30.12
N CYS A 310 -7.84 -6.22 30.49
CA CYS A 310 -8.92 -6.96 31.22
C CYS A 310 -9.18 -6.10 32.45
N LYS A 311 -8.12 -5.76 33.17
CA LYS A 311 -8.22 -5.03 34.44
C LYS A 311 -8.98 -3.72 34.29
N ALA A 312 -8.55 -2.90 33.35
CA ALA A 312 -9.08 -1.57 33.19
C ALA A 312 -10.58 -1.64 32.89
N ASP A 313 -10.95 -2.56 32.01
CA ASP A 313 -12.34 -2.76 31.66
C ASP A 313 -13.11 -3.25 32.85
N THR A 314 -12.50 -4.14 33.63
CA THR A 314 -13.13 -4.63 34.85
C THR A 314 -13.34 -3.48 35.83
N LEU A 315 -12.32 -2.63 35.98
CA LEU A 315 -12.38 -1.46 36.82
C LEU A 315 -13.42 -0.45 36.32
N PHE A 316 -13.57 -0.35 35.01
CA PHE A 316 -14.56 0.56 34.44
C PHE A 316 -15.99 0.10 34.72
N VAL A 317 -16.24 -1.21 34.63
CA VAL A 317 -17.54 -1.75 35.01
C VAL A 317 -17.91 -1.39 36.45
N ARG A 318 -16.93 -1.46 37.36
CA ARG A 318 -17.12 -1.12 38.77
C ARG A 318 -17.11 0.40 38.99
N SER A 319 -16.99 1.17 37.92
CA SER A 319 -17.00 2.62 38.04
C SER A 319 -15.84 3.19 38.86
N ARG A 320 -14.70 2.48 38.86
CA ARG A 320 -13.50 3.00 39.48
C ARG A 320 -12.72 3.77 38.43
N PHE A 321 -13.18 4.97 38.11
CA PHE A 321 -12.64 5.71 36.98
C PHE A 321 -11.21 6.26 37.15
N ILE A 322 -10.78 6.56 38.37
CA ILE A 322 -9.42 7.04 38.59
C ILE A 322 -8.49 5.87 38.36
N ASP A 323 -8.90 4.70 38.85
CA ASP A 323 -8.11 3.50 38.64
C ASP A 323 -7.91 3.19 37.16
N VAL A 324 -9.02 3.22 36.40
CA VAL A 324 -8.96 3.05 34.95
C VAL A 324 -7.95 4.01 34.31
N LEU A 325 -7.93 5.27 34.75
CA LEU A 325 -7.00 6.25 34.18
C LEU A 325 -5.52 6.02 34.58
N ALA A 326 -5.29 5.63 35.82
CA ALA A 326 -3.93 5.26 36.21
C ALA A 326 -3.37 4.21 35.23
N ILE A 327 -4.16 3.16 34.96
CA ILE A 327 -3.69 2.05 34.15
C ILE A 327 -3.53 2.49 32.71
N THR A 328 -4.55 3.20 32.26
CA THR A 328 -4.73 3.48 30.85
C THR A 328 -3.74 4.57 30.39
N THR A 329 -3.41 5.47 31.29
CA THR A 329 -2.38 6.47 31.04
C THR A 329 -0.99 5.82 30.99
N LYS A 330 -0.75 4.83 31.84
CA LYS A 330 0.53 4.10 31.83
C LYS A 330 0.74 3.36 30.52
N ILE A 331 -0.34 2.77 30.00
CA ILE A 331 -0.28 2.06 28.71
C ILE A 331 0.08 3.06 27.60
N LEU A 332 -0.45 4.27 27.72
CA LEU A 332 -0.23 5.30 26.71
C LEU A 332 1.18 5.89 26.73
N GLU A 333 1.90 5.75 27.83
CA GLU A 333 3.30 6.19 27.84
C GLU A 333 4.26 5.10 27.34
N ILE A 334 4.10 3.88 27.83
CA ILE A 334 4.97 2.80 27.37
C ILE A 334 4.63 2.25 25.98
N ASP A 335 3.43 2.52 25.47
CA ASP A 335 3.05 2.13 24.11
C ASP A 335 2.16 3.17 23.44
N PRO A 336 2.75 4.29 23.01
CA PRO A 336 2.00 5.47 22.57
C PRO A 336 1.21 5.21 21.31
N TYR A 337 1.53 4.13 20.60
CA TYR A 337 0.81 3.81 19.37
C TYR A 337 -0.21 2.73 19.60
N ASN A 338 -0.49 2.42 20.87
CA ASN A 338 -1.60 1.53 21.14
C ASN A 338 -2.95 2.27 21.04
N LEU A 339 -3.83 1.76 20.19
CA LEU A 339 -5.07 2.46 19.88
C LEU A 339 -6.29 1.88 20.57
N ASP A 340 -6.21 0.61 20.94
CA ASP A 340 -7.30 -0.07 21.62
C ASP A 340 -7.56 0.53 22.98
N VAL A 341 -6.61 1.28 23.49
CA VAL A 341 -6.73 1.79 24.84
C VAL A 341 -7.68 2.99 24.86
N TYR A 342 -7.92 3.60 23.70
CA TYR A 342 -8.63 4.87 23.68
C TYR A 342 -10.10 4.91 24.14
N PRO A 343 -10.94 3.96 23.70
CA PRO A 343 -12.32 4.06 24.21
C PRO A 343 -12.45 4.13 25.74
N LEU A 344 -11.71 3.27 26.44
CA LEU A 344 -11.71 3.25 27.90
C LEU A 344 -11.13 4.55 28.46
N HIS A 345 -10.06 5.00 27.82
CA HIS A 345 -9.37 6.20 28.25
C HIS A 345 -10.26 7.44 28.02
N LEU A 346 -10.76 7.58 26.80
CA LEU A 346 -11.66 8.65 26.43
C LEU A 346 -12.89 8.71 27.35
N ALA A 347 -13.56 7.57 27.50
CA ALA A 347 -14.80 7.53 28.26
C ALA A 347 -14.55 7.90 29.72
N SER A 348 -13.41 7.48 30.27
CA SER A 348 -13.06 7.83 31.64
C SER A 348 -12.71 9.30 31.81
N LEU A 349 -12.07 9.89 30.80
CA LEU A 349 -11.80 11.33 30.83
C LEU A 349 -13.11 12.15 30.72
N HIS A 350 -14.06 11.71 29.91
CA HIS A 350 -15.33 12.42 29.82
C HIS A 350 -16.07 12.41 31.17
N GLU A 351 -16.03 11.27 31.85
CA GLU A 351 -16.63 11.12 33.16
C GLU A 351 -16.06 12.10 34.19
N SER A 352 -14.79 12.41 34.06
CA SER A 352 -14.14 13.31 35.01
C SER A 352 -14.16 14.75 34.50
N GLY A 353 -14.57 14.94 33.25
CA GLY A 353 -14.75 16.27 32.70
C GLY A 353 -13.47 16.96 32.27
N GLU A 354 -12.51 16.19 31.78
CA GLU A 354 -11.19 16.70 31.42
C GLU A 354 -11.11 17.23 29.98
N LYS A 355 -11.69 18.40 29.74
CA LYS A 355 -11.67 18.99 28.40
C LYS A 355 -10.26 19.07 27.85
N ASN A 356 -9.37 19.68 28.61
CA ASN A 356 -7.99 19.87 28.21
C ASN A 356 -7.36 18.57 27.70
N LYS A 357 -7.47 17.50 28.48
CA LYS A 357 -6.88 16.23 28.08
C LYS A 357 -7.56 15.66 26.84
N LEU A 358 -8.88 15.75 26.78
CA LEU A 358 -9.67 15.30 25.61
C LEU A 358 -9.29 16.10 24.38
N TYR A 359 -9.01 17.38 24.58
CA TYR A 359 -8.64 18.28 23.48
C TYR A 359 -7.27 17.95 22.86
N LEU A 360 -6.28 17.75 23.71
CA LEU A 360 -4.94 17.37 23.27
C LEU A 360 -4.94 16.06 22.49
N ILE A 361 -5.61 15.05 23.05
CA ILE A 361 -5.67 13.74 22.43
C ILE A 361 -6.36 13.76 21.05
N SER A 362 -7.52 14.39 21.00
CA SER A 362 -8.24 14.41 19.73
C SER A 362 -7.39 15.06 18.65
N ASN A 363 -6.61 16.06 19.04
CA ASN A 363 -5.87 16.83 18.06
C ASN A 363 -4.68 16.11 17.46
N ASP A 364 -3.91 15.37 18.26
CA ASP A 364 -2.83 14.62 17.63
C ASP A 364 -3.28 13.30 17.05
N LEU A 365 -4.47 12.85 17.44
CA LEU A 365 -5.08 11.70 16.80
C LEU A 365 -5.51 12.07 15.38
N VAL A 366 -6.16 13.21 15.19
CA VAL A 366 -6.53 13.56 13.82
C VAL A 366 -5.30 13.92 13.01
N ASP A 367 -4.24 14.35 13.69
CA ASP A 367 -3.00 14.63 12.99
C ASP A 367 -2.35 13.36 12.46
N ARG A 368 -2.33 12.30 13.27
CA ARG A 368 -1.58 11.09 12.90
C ARG A 368 -2.45 9.91 12.46
N HIS A 369 -3.73 9.91 12.84
CA HIS A 369 -4.64 8.84 12.44
C HIS A 369 -5.98 9.36 11.92
N PRO A 370 -5.97 10.16 10.86
CA PRO A 370 -7.23 10.70 10.38
C PRO A 370 -8.09 9.59 9.77
N GLU A 371 -7.49 8.45 9.50
CA GLU A 371 -8.19 7.40 8.78
C GLU A 371 -8.77 6.35 9.72
N LYS A 372 -8.59 6.56 11.02
CA LYS A 372 -9.08 5.62 12.04
C LYS A 372 -10.34 6.18 12.69
N ALA A 373 -11.34 5.31 12.84
CA ALA A 373 -12.61 5.63 13.54
C ALA A 373 -12.41 6.10 14.98
N VAL A 374 -11.44 5.53 15.69
CA VAL A 374 -11.19 6.00 17.05
C VAL A 374 -10.89 7.49 17.05
N THR A 375 -10.18 7.95 16.02
CA THR A 375 -9.79 9.35 15.99
C THR A 375 -11.00 10.24 16.13
N TRP A 376 -12.08 9.88 15.43
CA TRP A 376 -13.26 10.72 15.44
C TRP A 376 -14.18 10.46 16.62
N LEU A 377 -14.04 9.30 17.26
CA LEU A 377 -14.65 9.05 18.56
C LEU A 377 -14.12 10.09 19.53
N ALA A 378 -12.82 10.34 19.47
CA ALA A 378 -12.15 11.26 20.40
C ALA A 378 -12.59 12.71 20.17
N VAL A 379 -12.66 13.11 18.91
CA VAL A 379 -13.16 14.44 18.57
C VAL A 379 -14.59 14.62 19.10
N GLY A 380 -15.41 13.58 19.01
CA GLY A 380 -16.78 13.66 19.45
C GLY A 380 -16.89 13.76 20.95
N ILE A 381 -16.17 12.92 21.67
CA ILE A 381 -16.23 12.91 23.12
C ILE A 381 -15.83 14.26 23.67
N TYR A 382 -14.87 14.90 22.99
CA TYR A 382 -14.45 16.24 23.37
C TYR A 382 -15.57 17.25 23.25
N TYR A 383 -16.22 17.29 22.09
CA TYR A 383 -17.35 18.19 21.91
C TYR A 383 -18.43 17.88 22.94
N LEU A 384 -18.32 16.70 23.56
CA LEU A 384 -19.24 16.30 24.61
C LEU A 384 -18.92 16.73 26.08
N CYS A 385 -17.66 16.86 26.55
CA CYS A 385 -17.46 17.57 27.86
C CYS A 385 -17.62 19.09 27.68
N VAL A 386 -17.92 19.50 26.46
CA VAL A 386 -17.92 20.91 26.12
C VAL A 386 -19.34 21.32 25.69
N ASN A 387 -20.21 20.32 25.65
CA ASN A 387 -21.61 20.54 25.37
C ASN A 387 -21.94 21.12 24.01
N LYS A 388 -21.10 20.84 23.03
CA LYS A 388 -21.39 21.23 21.66
C LYS A 388 -21.96 20.00 20.99
N ILE A 389 -23.26 19.83 21.14
CA ILE A 389 -23.91 18.56 20.83
C ILE A 389 -24.02 18.28 19.32
N SER A 390 -24.26 19.31 18.52
CA SER A 390 -24.31 19.18 17.07
C SER A 390 -23.01 18.61 16.51
N GLU A 391 -21.88 19.20 16.87
CA GLU A 391 -20.62 18.77 16.29
C GLU A 391 -20.17 17.43 16.91
N ALA A 392 -20.61 17.16 18.13
CA ALA A 392 -20.41 15.84 18.70
C ALA A 392 -21.17 14.80 17.88
N ARG A 393 -22.46 15.05 17.63
CA ARG A 393 -23.24 14.13 16.80
C ARG A 393 -22.58 13.89 15.44
N ARG A 394 -22.17 14.96 14.78
CA ARG A 394 -21.45 14.81 13.51
C ARG A 394 -20.30 13.77 13.62
N TYR A 395 -19.53 13.84 14.69
CA TYR A 395 -18.30 13.05 14.76
C TYR A 395 -18.50 11.61 15.17
N PHE A 396 -19.52 11.34 15.97
CA PHE A 396 -19.86 9.97 16.29
C PHE A 396 -20.49 9.38 15.04
N SER A 397 -21.16 10.23 14.28
CA SER A 397 -21.65 9.80 12.97
C SER A 397 -20.50 9.38 12.05
N LYS A 398 -19.45 10.19 12.00
CA LYS A 398 -18.35 9.98 11.07
C LYS A 398 -17.60 8.71 11.43
N SER A 399 -17.39 8.50 12.72
CA SER A 399 -16.68 7.37 13.28
C SER A 399 -17.47 6.06 13.10
N SER A 400 -18.76 6.09 13.39
CA SER A 400 -19.58 4.88 13.29
C SER A 400 -19.81 4.52 11.81
N THR A 401 -19.60 5.49 10.94
CA THR A 401 -19.72 5.26 9.51
C THR A 401 -18.41 4.65 9.00
N MET A 402 -17.30 5.21 9.47
CA MET A 402 -15.98 4.69 9.13
C MET A 402 -15.79 3.26 9.60
N ASP A 403 -16.40 2.91 10.73
CA ASP A 403 -16.38 1.57 11.26
C ASP A 403 -17.71 1.22 11.94
N PRO A 404 -18.67 0.74 11.14
CA PRO A 404 -20.03 0.45 11.59
C PRO A 404 -20.04 -0.60 12.70
N GLN A 405 -18.92 -1.26 12.90
CA GLN A 405 -18.83 -2.28 13.95
C GLN A 405 -18.36 -1.69 15.29
N PHE A 406 -18.00 -0.40 15.24
CA PHE A 406 -17.42 0.31 16.38
C PHE A 406 -18.46 0.77 17.41
N GLY A 407 -18.67 -0.06 18.43
CA GLY A 407 -19.70 0.18 19.43
C GLY A 407 -19.67 1.50 20.16
N PRO A 408 -18.53 1.86 20.77
CA PRO A 408 -18.37 3.16 21.45
C PRO A 408 -18.88 4.36 20.64
N ALA A 409 -18.72 4.35 19.33
CA ALA A 409 -19.15 5.48 18.51
C ALA A 409 -20.67 5.53 18.44
N TRP A 410 -21.31 4.36 18.50
CA TRP A 410 -22.76 4.29 18.48
C TRP A 410 -23.35 4.80 19.78
N ILE A 411 -22.75 4.46 20.91
CA ILE A 411 -23.19 4.97 22.21
C ILE A 411 -23.09 6.51 22.23
N GLY A 412 -21.93 7.03 21.86
CA GLY A 412 -21.79 8.47 21.72
C GLY A 412 -22.83 9.07 20.80
N PHE A 413 -23.12 8.40 19.70
CA PHE A 413 -24.11 8.85 18.73
C PHE A 413 -25.50 8.93 19.39
N ALA A 414 -25.90 7.84 20.04
CA ALA A 414 -27.19 7.80 20.71
C ALA A 414 -27.33 8.88 21.78
N HIS A 415 -26.31 9.05 22.62
CA HIS A 415 -26.34 10.09 23.66
C HIS A 415 -26.60 11.50 23.13
N SER A 416 -26.01 11.83 21.99
CA SER A 416 -26.25 13.10 21.31
C SER A 416 -27.72 13.26 20.99
N PHE A 417 -28.32 12.21 20.46
CA PHE A 417 -29.76 12.30 20.19
C PHE A 417 -30.55 12.42 21.50
N ALA A 418 -30.18 11.63 22.51
CA ALA A 418 -30.93 11.66 23.76
C ALA A 418 -30.93 13.07 24.30
N ILE A 419 -29.76 13.70 24.36
CA ILE A 419 -29.65 15.06 24.87
C ILE A 419 -30.52 16.07 24.09
N GLU A 420 -30.57 15.94 22.77
CA GLU A 420 -31.40 16.82 21.94
C GLU A 420 -32.90 16.55 22.05
N GLY A 421 -33.25 15.49 22.76
CA GLY A 421 -34.65 15.08 22.85
C GLY A 421 -35.12 14.28 21.66
N GLU A 422 -34.20 13.78 20.84
CA GLU A 422 -34.57 12.97 19.69
C GLU A 422 -34.71 11.50 20.06
N HIS A 423 -35.77 11.18 20.78
CA HIS A 423 -35.94 9.86 21.35
C HIS A 423 -35.84 8.70 20.37
N ASP A 424 -36.57 8.77 19.25
CA ASP A 424 -36.60 7.66 18.30
C ASP A 424 -35.23 7.31 17.69
N GLN A 425 -34.48 8.36 17.35
CA GLN A 425 -33.17 8.17 16.81
C GLN A 425 -32.23 7.68 17.88
N ALA A 426 -32.44 8.12 19.12
CA ALA A 426 -31.61 7.66 20.22
C ALA A 426 -31.80 6.17 20.39
N ILE A 427 -33.06 5.75 20.40
CA ILE A 427 -33.42 4.33 20.43
C ILE A 427 -32.89 3.47 19.25
N SER A 428 -32.88 4.00 18.02
CA SER A 428 -32.19 3.31 16.92
C SER A 428 -30.73 3.07 17.25
N ALA A 429 -30.01 4.15 17.56
CA ALA A 429 -28.60 4.05 17.87
C ALA A 429 -28.34 3.12 19.04
N TYR A 430 -29.14 3.18 20.11
CA TYR A 430 -28.92 2.28 21.26
C TYR A 430 -29.23 0.83 20.92
N THR A 431 -30.18 0.60 20.03
CA THR A 431 -30.46 -0.78 19.68
C THR A 431 -29.40 -1.30 18.72
N THR A 432 -28.97 -0.52 17.73
CA THR A 432 -27.82 -1.00 16.97
C THR A 432 -26.57 -1.16 17.85
N ALA A 433 -26.45 -0.39 18.93
CA ALA A 433 -25.31 -0.56 19.83
C ALA A 433 -25.43 -1.79 20.72
N ALA A 434 -26.66 -2.20 21.05
CA ALA A 434 -26.82 -3.36 21.94
C ALA A 434 -26.35 -4.66 21.25
N ARG A 435 -26.23 -4.61 19.93
CA ARG A 435 -25.69 -5.71 19.13
C ARG A 435 -24.17 -5.78 19.30
N LEU A 436 -23.52 -4.64 19.35
CA LEU A 436 -22.08 -4.55 19.40
C LEU A 436 -21.50 -4.60 20.79
N PHE A 437 -22.37 -4.72 21.77
CA PHE A 437 -21.96 -4.79 23.15
C PHE A 437 -22.77 -5.86 23.82
N GLN A 438 -23.10 -6.93 23.13
CA GLN A 438 -23.97 -7.93 23.73
C GLN A 438 -23.34 -8.60 24.94
N GLY A 439 -24.18 -8.94 25.91
CA GLY A 439 -23.74 -9.49 27.16
C GLY A 439 -23.33 -8.44 28.17
N THR A 440 -23.64 -7.18 27.89
CA THR A 440 -23.31 -6.12 28.82
C THR A 440 -24.58 -5.37 29.15
N HIS A 441 -24.58 -4.73 30.31
CA HIS A 441 -25.83 -4.23 30.88
C HIS A 441 -26.16 -2.78 30.49
N LEU A 442 -25.18 -2.06 29.97
CA LEU A 442 -25.37 -0.65 29.69
C LEU A 442 -26.35 -0.31 28.55
N PRO A 443 -26.26 -0.98 27.40
CA PRO A 443 -27.26 -0.69 26.36
C PRO A 443 -28.72 -0.85 26.79
N TYR A 444 -29.09 -1.85 27.57
CA TYR A 444 -30.47 -1.97 28.09
C TYR A 444 -30.79 -0.89 29.11
N LEU A 445 -29.77 -0.50 29.88
CA LEU A 445 -29.88 0.63 30.76
C LEU A 445 -30.36 1.84 29.98
N PHE A 446 -29.62 2.16 28.91
CA PHE A 446 -29.91 3.35 28.15
C PHE A 446 -31.25 3.25 27.43
N LEU A 447 -31.55 2.09 26.86
CA LEU A 447 -32.86 1.86 26.26
C LEU A 447 -33.97 2.10 27.30
N GLY A 448 -33.75 1.67 28.53
CA GLY A 448 -34.72 1.87 29.59
C GLY A 448 -34.96 3.35 29.89
N MET A 449 -33.87 4.11 30.03
CA MET A 449 -33.92 5.53 30.35
C MET A 449 -34.58 6.34 29.27
N GLN A 450 -34.36 5.93 28.03
CA GLN A 450 -34.92 6.63 26.90
C GLN A 450 -36.42 6.32 26.78
N HIS A 451 -36.80 5.08 27.11
CA HIS A 451 -38.23 4.72 27.09
C HIS A 451 -39.02 5.32 28.27
N MET A 452 -38.33 5.60 29.37
CA MET A 452 -38.93 6.40 30.42
C MET A 452 -39.35 7.77 29.90
N GLN A 453 -38.47 8.42 29.16
CA GLN A 453 -38.76 9.71 28.55
C GLN A 453 -40.04 9.68 27.73
N LEU A 454 -40.23 8.62 26.96
CA LEU A 454 -41.39 8.51 26.10
C LEU A 454 -42.65 8.20 26.91
N GLY A 455 -42.47 7.79 28.16
CA GLY A 455 -43.58 7.33 28.97
C GLY A 455 -43.93 5.84 28.85
N ASN A 456 -43.09 5.03 28.21
CA ASN A 456 -43.35 3.59 28.20
C ASN A 456 -42.70 2.94 29.41
N ILE A 457 -43.38 3.03 30.54
CA ILE A 457 -42.89 2.47 31.79
C ILE A 457 -42.83 0.95 31.73
N LEU A 458 -43.77 0.32 31.04
CA LEU A 458 -43.73 -1.13 30.97
C LEU A 458 -42.46 -1.53 30.23
N LEU A 459 -42.23 -0.87 29.11
CA LEU A 459 -41.10 -1.17 28.26
C LEU A 459 -39.81 -0.82 28.98
N ALA A 460 -39.79 0.37 29.58
CA ALA A 460 -38.61 0.85 30.29
C ALA A 460 -38.26 -0.12 31.40
N ASN A 461 -39.26 -0.72 31.99
CA ASN A 461 -39.02 -1.68 33.06
C ASN A 461 -38.51 -3.01 32.51
N GLU A 462 -39.02 -3.43 31.36
CA GLU A 462 -38.50 -4.63 30.70
C GLU A 462 -36.98 -4.50 30.53
N TYR A 463 -36.55 -3.44 29.83
CA TYR A 463 -35.15 -3.21 29.61
C TYR A 463 -34.36 -3.08 30.93
N LEU A 464 -34.92 -2.42 31.94
CA LEU A 464 -34.18 -2.25 33.18
C LEU A 464 -33.99 -3.55 33.98
N GLN A 465 -35.03 -4.40 34.06
CA GLN A 465 -34.86 -5.72 34.66
C GLN A 465 -33.83 -6.53 33.89
N SER A 466 -33.81 -6.34 32.57
CA SER A 466 -32.80 -6.95 31.73
C SER A 466 -31.37 -6.53 32.07
N SER A 467 -31.05 -5.23 32.17
CA SER A 467 -29.69 -4.88 32.59
C SER A 467 -29.40 -5.45 33.97
N TYR A 468 -30.36 -5.34 34.87
CA TYR A 468 -30.13 -5.79 36.24
C TYR A 468 -29.76 -7.28 36.27
N ALA A 469 -30.35 -8.08 35.40
CA ALA A 469 -30.03 -9.51 35.40
C ALA A 469 -28.57 -9.76 35.00
N LEU A 470 -28.08 -8.94 34.07
CA LEU A 470 -26.69 -8.92 33.63
C LEU A 470 -25.68 -8.34 34.66
N PHE A 471 -26.04 -7.26 35.32
CA PHE A 471 -25.11 -6.67 36.29
C PHE A 471 -25.90 -5.79 37.25
N GLN A 472 -25.76 -6.07 38.54
CA GLN A 472 -26.61 -5.44 39.54
C GLN A 472 -25.97 -4.32 40.38
N TYR A 473 -24.70 -4.01 40.13
CA TYR A 473 -23.99 -3.04 40.96
C TYR A 473 -23.53 -1.75 40.26
N ASP A 474 -24.42 -1.13 39.51
CA ASP A 474 -24.16 0.14 38.86
C ASP A 474 -25.18 1.16 39.39
N PRO A 475 -24.69 2.24 40.01
CA PRO A 475 -25.51 3.25 40.70
C PRO A 475 -26.59 3.82 39.80
N LEU A 476 -26.28 3.94 38.50
CA LEU A 476 -27.15 4.57 37.50
C LEU A 476 -28.39 3.73 37.25
N LEU A 477 -28.22 2.42 37.35
CA LEU A 477 -29.27 1.47 37.10
C LEU A 477 -30.23 1.45 38.27
N LEU A 478 -29.69 1.54 39.49
CA LEU A 478 -30.52 1.56 40.68
C LEU A 478 -31.31 2.85 40.75
N ASN A 479 -30.69 3.94 40.33
CA ASN A 479 -31.43 5.16 40.18
C ASN A 479 -32.60 5.00 39.21
N GLU A 480 -32.35 4.42 38.05
CA GLU A 480 -33.40 4.26 37.05
C GLU A 480 -34.52 3.31 37.51
N LEU A 481 -34.16 2.22 38.18
CA LEU A 481 -35.18 1.35 38.75
C LEU A 481 -36.02 2.09 39.79
N GLY A 482 -35.40 3.08 40.44
CA GLY A 482 -36.04 3.84 41.49
C GLY A 482 -37.00 4.87 40.94
N VAL A 483 -36.65 5.48 39.82
CA VAL A 483 -37.54 6.41 39.15
C VAL A 483 -38.78 5.69 38.60
N VAL A 484 -38.66 4.39 38.42
CA VAL A 484 -39.74 3.58 37.88
C VAL A 484 -40.68 3.19 39.00
N ALA A 485 -40.11 2.76 40.13
CA ALA A 485 -40.94 2.43 41.27
C ALA A 485 -41.69 3.66 41.74
N PHE A 486 -41.05 4.82 41.65
CA PHE A 486 -41.67 6.08 42.01
C PHE A 486 -42.77 6.45 41.02
N ASN A 487 -42.60 6.07 39.77
CA ASN A 487 -43.60 6.38 38.75
C ASN A 487 -44.84 5.50 38.83
N LYS A 488 -44.65 4.21 39.14
CA LYS A 488 -45.72 3.46 39.76
C LYS A 488 -45.86 4.17 41.10
N SER A 489 -46.64 3.68 42.05
CA SER A 489 -46.60 4.39 43.32
C SER A 489 -46.00 3.58 44.44
N ASP A 490 -44.79 3.07 44.21
CA ASP A 490 -44.11 2.27 45.21
C ASP A 490 -42.98 3.07 45.82
N MET A 491 -43.34 4.03 46.66
CA MET A 491 -42.37 4.92 47.25
C MET A 491 -41.34 4.14 48.05
N GLN A 492 -41.79 3.13 48.78
CA GLN A 492 -40.90 2.36 49.62
C GLN A 492 -39.76 1.76 48.80
N THR A 493 -40.11 1.03 47.75
CA THR A 493 -39.12 0.47 46.84
C THR A 493 -38.23 1.55 46.21
N ALA A 494 -38.85 2.61 45.69
CA ALA A 494 -38.07 3.76 45.23
C ALA A 494 -37.00 4.20 46.25
N ILE A 495 -37.37 4.36 47.52
CA ILE A 495 -36.42 4.80 48.53
C ILE A 495 -35.28 3.80 48.68
N ASN A 496 -35.62 2.52 48.67
CA ASN A 496 -34.60 1.47 48.81
C ASN A 496 -33.61 1.52 47.65
N HIS A 497 -34.14 1.70 46.44
CA HIS A 497 -33.29 1.78 45.26
C HIS A 497 -32.39 3.01 45.28
N PHE A 498 -32.96 4.18 45.52
CA PHE A 498 -32.16 5.39 45.68
C PHE A 498 -31.10 5.28 46.76
N GLN A 499 -31.45 4.71 47.91
CA GLN A 499 -30.49 4.58 49.01
C GLN A 499 -29.33 3.69 48.62
N ASN A 500 -29.59 2.72 47.75
CA ASN A 500 -28.55 1.79 47.32
C ASN A 500 -27.67 2.34 46.21
N ALA A 501 -28.22 3.18 45.35
CA ALA A 501 -27.41 3.90 44.38
C ALA A 501 -26.38 4.69 45.17
N LEU A 502 -26.85 5.52 46.11
CA LEU A 502 -26.00 6.33 46.98
C LEU A 502 -24.92 5.52 47.70
N LEU A 503 -25.30 4.37 48.26
CA LEU A 503 -24.30 3.51 48.87
C LEU A 503 -23.29 3.09 47.82
N LEU A 504 -23.78 2.64 46.67
CA LEU A 504 -22.92 2.22 45.56
C LEU A 504 -21.92 3.29 45.16
N VAL A 505 -22.42 4.49 44.89
CA VAL A 505 -21.60 5.63 44.47
C VAL A 505 -20.44 5.95 45.42
N LYS A 506 -20.63 5.67 46.71
CA LYS A 506 -19.59 5.97 47.69
C LYS A 506 -18.37 5.06 47.51
N LYS A 507 -18.61 3.85 47.02
CA LYS A 507 -17.57 2.86 46.76
C LYS A 507 -16.83 3.09 45.43
N THR A 508 -17.51 3.76 44.50
CA THR A 508 -16.90 4.01 43.19
C THR A 508 -16.06 5.28 43.23
N GLN A 509 -15.63 5.74 42.07
CA GLN A 509 -14.78 6.91 41.97
C GLN A 509 -15.38 7.88 40.98
N SER A 510 -16.71 7.93 40.95
CA SER A 510 -17.42 8.77 39.99
C SER A 510 -17.49 10.23 40.41
N ASN A 511 -17.45 11.10 39.42
CA ASN A 511 -17.71 12.53 39.61
C ASN A 511 -18.99 12.69 40.44
N GLU A 512 -18.89 13.36 41.59
CA GLU A 512 -20.02 13.39 42.52
C GLU A 512 -21.21 14.22 42.03
N LYS A 513 -20.95 15.17 41.14
CA LYS A 513 -21.94 16.17 40.75
C LYS A 513 -23.25 15.66 40.12
N PRO A 514 -23.19 14.65 39.23
CA PRO A 514 -24.43 14.16 38.62
C PRO A 514 -25.41 13.51 39.59
N TRP A 515 -24.90 12.96 40.68
CA TRP A 515 -25.72 12.28 41.69
C TRP A 515 -26.57 13.20 42.57
N ALA A 516 -26.58 14.49 42.27
CA ALA A 516 -27.49 15.37 42.96
C ALA A 516 -28.93 14.98 42.62
N ALA A 517 -29.11 14.41 41.42
CA ALA A 517 -30.45 14.04 40.97
C ALA A 517 -30.97 12.86 41.78
N THR A 518 -30.08 11.93 42.14
CA THR A 518 -30.47 10.81 42.98
C THR A 518 -30.87 11.27 44.39
N TRP A 519 -30.08 12.15 44.98
CA TRP A 519 -30.39 12.71 46.29
C TRP A 519 -31.75 13.39 46.26
N ALA A 520 -31.95 14.28 45.29
CA ALA A 520 -33.24 14.94 45.15
C ALA A 520 -34.30 13.88 44.88
N ASN A 521 -33.98 12.86 44.07
CA ASN A 521 -34.92 11.76 43.89
C ASN A 521 -35.37 11.14 45.21
N LEU A 522 -34.40 10.80 46.05
CA LEU A 522 -34.71 10.22 47.34
C LEU A 522 -35.57 11.20 48.14
N GLY A 523 -35.26 12.50 48.03
CA GLY A 523 -36.08 13.52 48.65
C GLY A 523 -37.53 13.56 48.16
N HIS A 524 -37.74 13.27 46.88
CA HIS A 524 -39.09 13.25 46.28
C HIS A 524 -39.87 12.01 46.72
N ALA A 525 -39.19 10.89 46.89
CA ALA A 525 -39.83 9.71 47.44
C ALA A 525 -40.30 9.99 48.86
N TYR A 526 -39.51 10.73 49.62
CA TYR A 526 -39.80 11.03 51.00
C TYR A 526 -40.99 11.97 51.19
N ARG A 527 -41.12 13.00 50.34
CA ARG A 527 -42.28 13.87 50.49
C ARG A 527 -43.56 13.13 50.14
N LYS A 528 -43.44 12.14 49.26
CA LYS A 528 -44.57 11.31 48.88
C LYS A 528 -45.05 10.51 50.08
N LEU A 529 -44.12 9.97 50.85
CA LEU A 529 -44.45 9.27 52.07
C LEU A 529 -44.66 10.26 53.20
N LYS A 530 -44.73 11.55 52.87
CA LYS A 530 -44.95 12.60 53.88
C LYS A 530 -43.94 12.53 55.00
N MET A 531 -42.73 12.10 54.69
CA MET A 531 -41.63 12.19 55.64
C MET A 531 -40.84 13.45 55.34
N TYR A 532 -41.33 14.59 55.81
CA TYR A 532 -40.85 15.87 55.33
C TYR A 532 -39.42 16.25 55.74
N ASP A 533 -38.99 15.79 56.91
CA ASP A 533 -37.65 16.11 57.43
C ASP A 533 -36.56 15.32 56.72
N ALA A 534 -36.84 14.05 56.45
CA ALA A 534 -35.94 13.23 55.64
C ALA A 534 -35.90 13.78 54.22
N ALA A 535 -37.01 14.37 53.78
CA ALA A 535 -37.08 14.97 52.45
C ALA A 535 -36.22 16.23 52.39
N ILE A 536 -36.32 17.09 53.40
CA ILE A 536 -35.56 18.31 53.41
C ILE A 536 -34.08 17.93 53.34
N ASP A 537 -33.68 17.03 54.23
CA ASP A 537 -32.29 16.67 54.31
C ASP A 537 -31.75 16.18 52.95
N ALA A 538 -32.53 15.32 52.27
CA ALA A 538 -32.12 14.76 50.98
C ALA A 538 -32.16 15.77 49.85
N LEU A 539 -33.21 16.59 49.81
CA LEU A 539 -33.35 17.62 48.79
C LEU A 539 -32.18 18.54 48.88
N ASN A 540 -31.75 18.79 50.11
CA ASN A 540 -30.67 19.71 50.41
C ASN A 540 -29.36 19.21 49.86
N GLN A 541 -29.14 17.91 50.04
CA GLN A 541 -27.91 17.29 49.64
C GLN A 541 -27.93 17.25 48.11
N GLY A 542 -29.12 17.19 47.53
CA GLY A 542 -29.25 17.32 46.09
C GLY A 542 -28.77 18.69 45.67
N LEU A 543 -29.41 19.73 46.20
CA LEU A 543 -29.07 21.12 45.93
C LEU A 543 -27.58 21.39 46.05
N LEU A 544 -26.94 20.71 46.99
CA LEU A 544 -25.52 20.92 47.28
C LEU A 544 -24.70 20.61 46.05
N LEU A 545 -24.88 19.38 45.57
CA LEU A 545 -24.11 18.82 44.46
C LEU A 545 -24.35 19.56 43.14
N SER A 546 -25.42 20.32 43.08
CA SER A 546 -25.70 21.12 41.89
C SER A 546 -25.97 22.56 42.30
N THR A 547 -24.98 23.43 42.07
CA THR A 547 -25.09 24.81 42.53
C THR A 547 -26.40 25.51 42.17
N ASN A 548 -26.84 25.38 40.91
CA ASN A 548 -27.98 26.17 40.44
C ASN A 548 -29.16 25.37 39.86
N ASP A 549 -30.03 24.85 40.72
CA ASP A 549 -31.20 24.15 40.22
C ASP A 549 -32.50 24.74 40.73
N ALA A 550 -33.31 25.25 39.82
CA ALA A 550 -34.55 25.89 40.19
C ALA A 550 -35.56 24.85 40.63
N ASN A 551 -35.54 23.69 39.99
CA ASN A 551 -36.54 22.69 40.35
C ASN A 551 -36.38 22.09 41.75
N VAL A 552 -35.15 21.93 42.25
CA VAL A 552 -35.00 21.43 43.62
C VAL A 552 -35.30 22.49 44.70
N HIS A 553 -35.18 23.77 44.37
CA HIS A 553 -35.61 24.84 45.27
C HIS A 553 -37.12 24.87 45.40
N THR A 554 -37.79 24.72 44.26
CA THR A 554 -39.24 24.63 44.23
C THR A 554 -39.67 23.40 45.04
N ALA A 555 -38.97 22.29 44.85
CA ALA A 555 -39.27 21.07 45.59
C ALA A 555 -39.22 21.30 47.08
N ILE A 556 -38.14 21.95 47.53
CA ILE A 556 -37.90 22.27 48.93
C ILE A 556 -39.01 23.14 49.52
N ALA A 557 -39.45 24.12 48.75
CA ALA A 557 -40.56 24.97 49.15
C ALA A 557 -41.85 24.15 49.27
N LEU A 558 -42.15 23.35 48.25
CA LEU A 558 -43.30 22.49 48.35
C LEU A 558 -43.27 21.74 49.68
N VAL A 559 -42.11 21.23 50.07
CA VAL A 559 -42.03 20.52 51.33
C VAL A 559 -42.28 21.48 52.51
N TYR A 560 -41.66 22.65 52.47
CA TYR A 560 -41.77 23.59 53.59
C TYR A 560 -43.20 23.99 53.89
N LEU A 561 -43.97 24.30 52.87
CA LEU A 561 -45.34 24.66 53.14
C LEU A 561 -46.20 23.43 53.44
N HIS A 562 -45.65 22.24 53.28
CA HIS A 562 -46.30 21.04 53.82
C HIS A 562 -46.04 20.95 55.29
N LYS A 563 -44.81 21.32 55.68
CA LYS A 563 -44.45 21.42 57.08
C LYS A 563 -45.16 22.62 57.71
N LYS A 564 -45.89 23.36 56.88
CA LYS A 564 -46.59 24.59 57.28
C LYS A 564 -45.63 25.70 57.73
N ILE A 565 -44.54 25.89 57.00
CA ILE A 565 -43.62 26.99 57.24
C ILE A 565 -43.45 27.81 55.96
N PRO A 566 -44.47 28.60 55.60
CA PRO A 566 -44.47 29.37 54.35
C PRO A 566 -43.32 30.35 54.22
N GLY A 567 -42.80 30.84 55.35
CA GLY A 567 -41.72 31.81 55.33
C GLY A 567 -40.47 31.24 54.71
N LEU A 568 -40.14 29.99 55.02
CA LEU A 568 -38.99 29.32 54.43
C LEU A 568 -39.29 28.92 53.01
N ALA A 569 -40.54 28.54 52.76
CA ALA A 569 -40.98 28.23 51.41
C ALA A 569 -40.82 29.44 50.49
N ILE A 570 -40.96 30.64 51.05
CA ILE A 570 -40.90 31.88 50.28
C ILE A 570 -39.50 32.24 49.77
N THR A 571 -38.49 32.09 50.62
CA THR A 571 -37.12 32.41 50.21
C THR A 571 -36.56 31.46 49.14
N HIS A 572 -37.02 30.20 49.17
CA HIS A 572 -36.60 29.18 48.20
C HIS A 572 -37.29 29.39 46.86
N LEU A 573 -38.52 29.88 46.89
CA LEU A 573 -39.27 30.19 45.67
C LEU A 573 -38.63 31.40 44.98
N HIS A 574 -38.12 32.33 45.78
CA HIS A 574 -37.40 33.47 45.24
C HIS A 574 -36.11 33.02 44.52
N GLU A 575 -35.45 31.99 45.04
CA GLU A 575 -34.30 31.43 44.34
C GLU A 575 -34.66 30.80 43.00
N SER A 576 -35.73 30.00 42.98
CA SER A 576 -36.19 29.38 41.73
C SER A 576 -36.42 30.43 40.68
N LEU A 577 -37.33 31.36 40.99
CA LEU A 577 -37.74 32.42 40.06
C LEU A 577 -36.57 33.31 39.65
N ALA A 578 -35.44 33.17 40.31
CA ALA A 578 -34.26 33.92 39.94
C ALA A 578 -33.44 33.11 38.93
N ILE A 579 -33.37 31.79 39.12
CA ILE A 579 -32.68 30.93 38.17
C ILE A 579 -33.48 30.79 36.88
N SER A 580 -34.80 30.89 36.99
CA SER A 580 -35.70 30.88 35.83
C SER A 580 -37.00 31.58 36.20
N PRO A 581 -37.07 32.89 35.90
CA PRO A 581 -38.15 33.80 36.33
C PRO A 581 -39.51 33.49 35.73
N ASN A 582 -39.55 32.51 34.84
CA ASN A 582 -40.74 32.26 34.05
C ASN A 582 -41.52 31.03 34.51
N GLU A 583 -40.82 30.10 35.15
CA GLU A 583 -41.43 28.85 35.60
C GLU A 583 -42.87 29.06 36.06
N ILE A 584 -43.79 28.27 35.50
CA ILE A 584 -45.22 28.48 35.78
C ILE A 584 -45.60 28.01 37.18
N MET A 585 -44.95 26.95 37.64
CA MET A 585 -45.33 26.30 38.89
C MET A 585 -44.69 26.97 40.09
N ALA A 586 -43.52 27.55 39.88
CA ALA A 586 -42.81 28.25 40.94
C ALA A 586 -43.54 29.55 41.27
N SER A 587 -44.15 30.15 40.26
CA SER A 587 -44.94 31.36 40.46
C SER A 587 -46.21 31.06 41.26
N ASP A 588 -46.81 29.93 40.97
CA ASP A 588 -48.04 29.49 41.64
C ASP A 588 -47.80 29.10 43.08
N LEU A 589 -46.75 28.34 43.32
CA LEU A 589 -46.40 27.95 44.67
C LEU A 589 -46.09 29.20 45.48
N LEU A 590 -45.58 30.23 44.82
CA LEU A 590 -45.36 31.52 45.48
C LEU A 590 -46.68 32.23 45.69
N LYS A 591 -47.56 32.13 44.70
CA LYS A 591 -48.90 32.70 44.80
C LYS A 591 -49.56 32.30 46.10
N ARG A 592 -49.47 31.01 46.43
CA ARG A 592 -50.18 30.48 47.59
C ARG A 592 -49.43 30.68 48.90
N ALA A 593 -48.15 30.99 48.83
CA ALA A 593 -47.33 31.11 50.04
C ALA A 593 -47.40 32.50 50.66
N LEU A 594 -48.42 33.27 50.29
CA LEU A 594 -48.56 34.64 50.77
C LEU A 594 -48.48 34.81 52.30
N GLU A 595 -48.91 33.79 53.04
CA GLU A 595 -49.01 33.88 54.52
C GLU A 595 -48.08 34.88 55.20
N MET B 2 -17.51 2.68 27.35
CA MET B 2 -18.76 3.23 26.90
C MET B 2 -18.98 4.53 27.64
N LEU B 3 -19.35 5.60 26.91
CA LEU B 3 -19.70 6.86 27.54
C LEU B 3 -20.85 6.57 28.48
N ARG B 4 -20.97 7.35 29.53
CA ARG B 4 -22.09 7.17 30.39
C ARG B 4 -22.97 8.41 30.32
N ARG B 5 -24.13 8.32 30.94
CA ARG B 5 -24.96 9.49 31.13
C ARG B 5 -25.43 9.69 32.57
N ASN B 6 -26.04 10.83 32.79
CA ASN B 6 -26.52 11.22 34.10
C ASN B 6 -27.82 10.56 34.50
N PRO B 7 -27.98 10.32 35.81
CA PRO B 7 -29.20 9.70 36.35
C PRO B 7 -30.37 10.60 36.00
N THR B 8 -31.51 10.01 35.71
CA THR B 8 -32.74 10.74 35.45
C THR B 8 -33.18 11.47 36.72
N ALA B 9 -33.64 12.71 36.53
CA ALA B 9 -34.11 13.54 37.64
C ALA B 9 -35.62 13.65 37.68
N ILE B 10 -36.22 13.20 38.78
CA ILE B 10 -37.63 13.47 39.04
C ILE B 10 -37.88 14.99 39.21
N GLN B 11 -38.91 15.52 38.56
CA GLN B 11 -39.24 16.94 38.71
C GLN B 11 -40.58 17.19 39.43
N ILE B 12 -40.63 18.22 40.27
CA ILE B 12 -41.92 18.73 40.72
C ILE B 12 -42.74 19.05 39.48
N THR B 13 -43.97 18.56 39.42
CA THR B 13 -44.86 18.86 38.29
C THR B 13 -46.06 19.72 38.66
N ALA B 14 -46.77 20.18 37.63
CA ALA B 14 -47.96 20.97 37.85
C ALA B 14 -48.97 20.17 38.67
N GLU B 15 -48.92 18.85 38.54
CA GLU B 15 -49.83 17.98 39.29
C GLU B 15 -49.51 17.93 40.79
N ASP B 16 -48.26 18.23 41.16
CA ASP B 16 -47.83 18.24 42.56
C ASP B 16 -48.41 19.43 43.33
N VAL B 17 -48.54 20.56 42.63
CA VAL B 17 -49.08 21.76 43.25
C VAL B 17 -50.57 21.58 43.53
N LEU B 18 -51.19 20.69 42.75
CA LEU B 18 -52.61 20.38 42.93
C LEU B 18 -52.83 19.37 44.05
N ALA B 19 -51.95 18.39 44.14
CA ALA B 19 -52.00 17.44 45.25
C ALA B 19 -51.84 18.17 46.58
N TYR B 20 -51.26 19.38 46.52
CA TYR B 20 -51.10 20.22 47.70
C TYR B 20 -52.39 20.99 48.02
N ASP B 21 -52.88 21.74 47.04
CA ASP B 21 -54.09 22.53 47.21
C ASP B 21 -55.16 21.79 47.99
N GLU B 22 -55.28 20.49 47.73
CA GLU B 22 -56.13 19.64 48.56
C GLU B 22 -55.52 19.47 49.96
N GLU B 23 -55.43 20.59 50.69
CA GLU B 23 -55.02 20.61 52.09
C GLU B 23 -56.27 20.71 53.00
N LYS B 24 -57.44 20.76 52.36
CA LYS B 24 -58.72 20.72 53.06
C LYS B 24 -59.14 19.29 53.34
N ASN C 45 27.84 -10.45 12.87
CA ASN C 45 27.19 -9.22 13.29
C ASN C 45 26.41 -8.53 12.16
N SER C 46 27.10 -7.68 11.41
CA SER C 46 26.55 -7.06 10.21
C SER C 46 27.04 -7.80 8.97
N GLN C 47 27.80 -8.87 9.21
CA GLN C 47 28.27 -9.75 8.15
C GLN C 47 27.18 -10.76 7.86
N LEU C 48 26.33 -10.98 8.84
CA LEU C 48 25.26 -11.94 8.72
C LEU C 48 24.03 -11.25 8.16
N SER C 49 22.98 -12.02 7.92
CA SER C 49 21.72 -11.44 7.46
C SER C 49 20.57 -11.74 8.41
N THR C 50 19.37 -11.67 7.85
CA THR C 50 18.13 -11.92 8.56
C THR C 50 17.90 -13.42 8.88
N LEU C 51 18.55 -14.29 8.12
CA LEU C 51 18.46 -15.73 8.32
C LEU C 51 19.10 -16.19 9.61
N THR C 52 20.20 -15.57 9.99
CA THR C 52 20.81 -15.89 11.28
C THR C 52 19.79 -15.81 12.42
N ILE C 53 18.88 -14.82 12.36
CA ILE C 53 17.94 -14.55 13.46
C ILE C 53 16.50 -15.03 13.22
N SER C 54 16.31 -15.82 12.17
CA SER C 54 15.04 -16.47 11.93
C SER C 54 14.79 -17.58 12.95
N PRO C 55 13.55 -17.67 13.45
CA PRO C 55 13.10 -18.75 14.36
C PRO C 55 13.39 -20.16 13.83
N MET C 56 13.59 -20.30 12.52
CA MET C 56 13.74 -21.63 11.95
C MET C 56 15.13 -22.20 12.23
N THR C 57 16.07 -21.31 12.58
CA THR C 57 17.39 -21.77 12.96
C THR C 57 17.30 -22.73 14.14
N TYR C 58 16.17 -22.76 14.84
CA TYR C 58 16.00 -23.75 15.92
C TYR C 58 16.22 -25.18 15.41
N LEU C 59 15.98 -25.41 14.12
CA LEU C 59 16.15 -26.73 13.52
C LEU C 59 17.58 -27.27 13.65
N ALA C 60 18.54 -26.37 13.65
CA ALA C 60 19.94 -26.73 13.87
C ALA C 60 20.16 -27.19 15.30
N LEU C 81 10.29 -27.98 22.80
CA LEU C 81 10.30 -26.54 22.50
C LEU C 81 9.74 -25.71 23.63
N SER C 82 10.38 -24.59 23.90
CA SER C 82 9.93 -23.76 24.99
C SER C 82 8.66 -22.98 24.58
N ARG C 83 8.06 -22.26 25.50
CA ARG C 83 6.91 -21.44 25.17
C ARG C 83 7.31 -20.33 24.18
N GLU C 84 8.50 -19.77 24.38
CA GLU C 84 8.94 -18.69 23.51
C GLU C 84 9.37 -19.20 22.13
N ASP C 85 9.76 -20.48 22.03
CA ASP C 85 9.96 -21.12 20.74
C ASP C 85 8.62 -21.22 19.98
N TYR C 86 7.63 -21.80 20.63
CA TYR C 86 6.30 -21.96 20.02
C TYR C 86 5.72 -20.66 19.52
N LEU C 87 5.84 -19.61 20.33
CA LEU C 87 5.30 -18.29 19.99
C LEU C 87 6.01 -17.68 18.79
N ARG C 88 7.33 -17.89 18.72
CA ARG C 88 8.14 -17.42 17.60
C ARG C 88 7.83 -18.13 16.31
N LEU C 89 7.71 -19.46 16.35
CA LEU C 89 7.31 -20.20 15.16
C LEU C 89 5.94 -19.69 14.69
N TRP C 90 5.06 -19.48 15.66
CA TRP C 90 3.72 -19.04 15.39
C TRP C 90 3.68 -17.62 14.77
N ARG C 91 4.36 -16.66 15.41
CA ARG C 91 4.39 -15.34 14.82
C ARG C 91 5.02 -15.38 13.43
N HIS C 92 6.01 -16.24 13.22
CA HIS C 92 6.75 -16.24 11.95
C HIS C 92 5.86 -16.74 10.83
N ASP C 93 5.14 -17.82 11.10
CA ASP C 93 4.24 -18.35 10.12
C ASP C 93 3.09 -17.40 9.85
N ALA C 94 2.64 -16.67 10.87
CA ALA C 94 1.57 -15.69 10.72
C ALA C 94 1.99 -14.56 9.80
N LEU C 95 3.25 -14.17 9.93
CA LEU C 95 3.84 -13.15 9.10
C LEU C 95 3.95 -13.63 7.64
N MET C 96 4.47 -14.82 7.41
CA MET C 96 4.52 -15.35 6.04
C MET C 96 3.13 -15.55 5.43
N GLN C 97 2.11 -15.74 6.27
CA GLN C 97 0.76 -15.96 5.76
C GLN C 97 0.01 -14.64 5.73
N GLN C 98 0.72 -13.56 6.08
CA GLN C 98 0.14 -12.22 6.06
C GLN C 98 -1.12 -12.14 6.89
N GLN C 99 -1.09 -12.78 8.05
CA GLN C 99 -2.13 -12.63 9.03
C GLN C 99 -1.53 -11.75 10.09
N TYR C 100 -1.66 -10.46 9.87
CA TYR C 100 -0.94 -9.47 10.66
C TYR C 100 -1.53 -9.15 12.05
N LYS C 101 -2.85 -9.19 12.20
CA LYS C 101 -3.43 -9.05 13.54
C LYS C 101 -2.85 -10.13 14.43
N CYS C 102 -2.74 -11.33 13.86
CA CYS C 102 -2.22 -12.48 14.60
C CYS C 102 -0.73 -12.32 14.90
N ALA C 103 0.03 -11.88 13.91
CA ALA C 103 1.46 -11.76 14.11
C ALA C 103 1.75 -10.64 15.11
N ALA C 104 0.95 -9.58 15.13
CA ALA C 104 1.22 -8.51 16.09
C ALA C 104 0.92 -8.94 17.52
N PHE C 105 -0.07 -9.81 17.68
CA PHE C 105 -0.52 -10.19 19.00
C PHE C 105 0.43 -11.18 19.64
N VAL C 106 0.89 -12.14 18.85
CA VAL C 106 1.92 -13.09 19.27
C VAL C 106 3.26 -12.39 19.42
N GLY C 107 3.56 -11.47 18.51
CA GLY C 107 4.85 -10.81 18.55
C GLY C 107 4.99 -9.90 19.76
N GLU C 108 3.88 -9.29 20.15
CA GLU C 108 3.86 -8.49 21.37
C GLU C 108 4.08 -9.38 22.58
N LYS C 109 3.41 -10.52 22.64
CA LYS C 109 3.54 -11.37 23.83
C LYS C 109 4.98 -11.84 23.99
N VAL C 110 5.60 -12.39 22.95
CA VAL C 110 6.97 -12.89 23.07
C VAL C 110 7.93 -11.79 23.50
N LEU C 111 7.77 -10.61 22.90
CA LEU C 111 8.63 -9.48 23.23
C LEU C 111 8.49 -9.10 24.70
N ASP C 112 7.25 -9.06 25.20
CA ASP C 112 7.01 -8.74 26.61
C ASP C 112 7.71 -9.70 27.55
N ILE C 113 7.71 -10.97 27.18
CA ILE C 113 8.31 -11.98 28.02
C ILE C 113 9.84 -11.94 27.99
N THR C 114 10.43 -11.75 26.81
CA THR C 114 11.88 -11.89 26.64
C THR C 114 12.68 -10.59 26.63
N GLY C 115 12.13 -9.54 26.03
CA GLY C 115 12.88 -8.31 25.84
C GLY C 115 14.03 -8.50 24.86
N ASN C 116 14.01 -9.63 24.16
CA ASN C 116 15.01 -9.98 23.18
C ASN C 116 14.99 -9.05 21.95
N PRO C 117 16.14 -8.46 21.60
CA PRO C 117 16.23 -7.62 20.41
C PRO C 117 15.71 -8.28 19.11
N ASN C 118 15.91 -9.58 18.93
CA ASN C 118 15.43 -10.24 17.73
C ASN C 118 13.91 -10.38 17.71
N ASP C 119 13.31 -10.39 18.90
CA ASP C 119 11.87 -10.31 19.02
C ASP C 119 11.36 -8.90 18.71
N ALA C 120 12.11 -7.89 19.15
CA ALA C 120 11.77 -6.53 18.79
C ALA C 120 11.80 -6.39 17.28
N PHE C 121 12.84 -6.92 16.65
CA PHE C 121 12.99 -6.81 15.19
C PHE C 121 11.81 -7.40 14.44
N TRP C 122 11.45 -8.63 14.77
CA TRP C 122 10.35 -9.30 14.08
C TRP C 122 9.02 -8.60 14.35
N LEU C 123 8.86 -8.03 15.55
CA LEU C 123 7.63 -7.30 15.83
C LEU C 123 7.50 -6.10 14.89
N ALA C 124 8.60 -5.39 14.67
CA ALA C 124 8.65 -4.25 13.77
C ALA C 124 8.43 -4.65 12.29
N GLN C 125 8.86 -5.86 11.93
CA GLN C 125 8.54 -6.41 10.62
C GLN C 125 7.07 -6.34 10.38
N VAL C 126 6.30 -6.92 11.28
CA VAL C 126 4.85 -6.92 11.08
C VAL C 126 4.28 -5.50 11.03
N TYR C 127 4.73 -4.62 11.92
CA TYR C 127 4.30 -3.23 11.86
C TYR C 127 4.71 -2.63 10.51
N CYS C 128 5.86 -3.02 10.00
CA CYS C 128 6.29 -2.52 8.71
C CYS C 128 5.37 -3.00 7.60
N CYS C 129 5.14 -4.30 7.54
CA CYS C 129 4.19 -4.90 6.60
C CYS C 129 2.81 -4.29 6.69
N THR C 130 2.49 -3.76 7.86
CA THR C 130 1.22 -3.13 8.13
C THR C 130 1.21 -1.69 7.60
N GLY C 131 2.37 -1.16 7.28
CA GLY C 131 2.51 0.24 6.95
C GLY C 131 2.70 1.15 8.17
N ASP C 132 2.81 0.57 9.36
CA ASP C 132 2.99 1.34 10.59
C ASP C 132 4.46 1.67 10.86
N TYR C 133 5.07 2.43 9.96
CA TYR C 133 6.49 2.74 10.09
C TYR C 133 6.81 3.56 11.32
N ALA C 134 6.04 4.61 11.57
CA ALA C 134 6.22 5.37 12.78
C ALA C 134 6.30 4.45 14.02
N ARG C 135 5.37 3.51 14.13
CA ARG C 135 5.35 2.57 15.26
C ARG C 135 6.58 1.64 15.32
N ALA C 136 7.02 1.13 14.16
CA ALA C 136 8.21 0.29 14.10
C ALA C 136 9.45 1.05 14.56
N LYS C 137 9.64 2.26 14.03
CA LYS C 137 10.75 3.10 14.43
C LYS C 137 10.69 3.29 15.93
N CYS C 138 9.52 3.69 16.44
CA CYS C 138 9.39 4.01 17.85
C CYS C 138 9.84 2.82 18.70
N LEU C 139 9.39 1.62 18.34
CA LEU C 139 9.70 0.42 19.11
C LEU C 139 11.21 0.08 19.07
N LEU C 140 11.85 0.38 17.95
CA LEU C 140 13.24 0.04 17.74
C LEU C 140 14.20 1.11 18.25
N THR C 141 13.74 2.36 18.30
CA THR C 141 14.61 3.45 18.74
C THR C 141 14.41 3.81 20.19
N LYS C 142 13.53 3.08 20.87
CA LYS C 142 13.17 3.45 22.24
C LYS C 142 14.15 2.94 23.29
N GLU C 143 14.79 1.80 23.00
CA GLU C 143 15.64 1.17 24.00
C GLU C 143 17.08 0.92 23.55
N ASP C 144 17.61 1.78 22.69
CA ASP C 144 18.99 1.63 22.25
C ASP C 144 19.12 0.38 21.39
N LEU C 145 17.97 -0.19 21.00
CA LEU C 145 17.95 -1.43 20.24
C LEU C 145 18.69 -1.31 18.92
N TYR C 146 18.53 -0.16 18.26
CA TYR C 146 19.27 0.11 17.03
C TYR C 146 20.78 -0.06 17.23
N ASN C 147 21.22 -0.06 18.49
CA ASN C 147 22.63 -0.20 18.82
C ASN C 147 23.04 -1.60 19.24
N ARG C 148 22.07 -2.42 19.60
CA ARG C 148 22.33 -3.76 20.11
C ARG C 148 22.24 -4.82 19.01
N SER C 149 21.71 -4.42 17.86
CA SER C 149 21.33 -5.36 16.81
C SER C 149 21.47 -4.72 15.43
N SER C 150 22.28 -5.32 14.58
CA SER C 150 22.41 -4.84 13.21
C SER C 150 21.09 -4.93 12.45
N ALA C 151 20.32 -5.98 12.71
CA ALA C 151 19.05 -6.12 12.03
C ALA C 151 18.10 -5.00 12.48
N CYS C 152 18.11 -4.68 13.76
CA CYS C 152 17.29 -3.58 14.25
C CYS C 152 17.72 -2.26 13.60
N ARG C 153 19.04 -2.00 13.58
CA ARG C 153 19.55 -0.76 13.00
C ARG C 153 19.10 -0.64 11.54
N TYR C 154 19.20 -1.74 10.81
CA TYR C 154 18.74 -1.75 9.44
C TYR C 154 17.26 -1.39 9.35
N LEU C 155 16.42 -2.09 10.13
CA LEU C 155 14.97 -1.96 10.03
C LEU C 155 14.49 -0.55 10.46
N ALA C 156 15.09 -0.02 11.53
CA ALA C 156 14.80 1.35 11.97
C ALA C 156 15.13 2.35 10.86
N ALA C 157 16.29 2.14 10.22
CA ALA C 157 16.75 3.04 9.17
C ALA C 157 15.83 2.89 7.99
N PHE C 158 15.33 1.68 7.78
CA PHE C 158 14.41 1.39 6.69
C PHE C 158 13.13 2.17 6.90
N CYS C 159 12.75 2.34 8.17
CA CYS C 159 11.48 3.00 8.48
C CYS C 159 11.61 4.50 8.32
N LEU C 160 12.74 5.04 8.77
CA LEU C 160 12.97 6.47 8.69
C LEU C 160 12.92 6.92 7.23
N VAL C 161 13.44 6.08 6.34
CA VAL C 161 13.40 6.37 4.92
C VAL C 161 11.95 6.39 4.43
N LYS C 162 11.18 5.38 4.83
CA LYS C 162 9.79 5.27 4.42
C LYS C 162 9.02 6.46 4.92
N LEU C 163 9.52 7.06 6.00
CA LEU C 163 8.89 8.20 6.65
C LEU C 163 9.42 9.52 6.10
N TYR C 164 10.39 9.45 5.19
CA TYR C 164 11.06 10.62 4.62
C TYR C 164 11.98 11.36 5.56
N ASP C 165 12.26 10.78 6.72
CA ASP C 165 13.23 11.39 7.62
C ASP C 165 14.67 11.12 7.16
N TRP C 166 15.13 11.89 6.18
CA TRP C 166 16.44 11.69 5.58
C TRP C 166 17.60 11.88 6.54
N GLN C 167 17.51 12.91 7.37
CA GLN C 167 18.55 13.18 8.35
C GLN C 167 18.66 12.13 9.46
N GLY C 168 17.52 11.55 9.84
CA GLY C 168 17.51 10.58 10.92
C GLY C 168 18.00 9.23 10.41
N ALA C 169 17.69 8.97 9.15
CA ALA C 169 18.22 7.83 8.43
C ALA C 169 19.76 7.83 8.48
N LEU C 170 20.38 8.96 8.17
CA LEU C 170 21.83 9.07 8.18
C LEU C 170 22.40 8.93 9.59
N ASN C 171 21.58 9.27 10.60
CA ASN C 171 22.01 9.21 11.99
C ASN C 171 22.19 7.79 12.48
N LEU C 172 21.28 6.91 12.06
CA LEU C 172 21.43 5.48 12.27
C LEU C 172 22.55 4.89 11.41
N LEU C 173 22.54 5.23 10.12
CA LEU C 173 23.42 4.60 9.14
C LEU C 173 24.84 5.14 9.19
N GLY C 174 24.98 6.43 9.48
CA GLY C 174 26.27 7.08 9.36
C GLY C 174 26.46 7.49 7.91
N GLU C 175 27.13 8.61 7.68
CA GLU C 175 27.29 9.12 6.32
C GLU C 175 28.23 8.29 5.45
N THR C 176 29.08 7.50 6.09
CA THR C 176 29.98 6.60 5.39
C THR C 176 29.67 5.20 5.90
N ASN C 177 30.03 4.16 5.13
CA ASN C 177 29.90 2.81 5.65
C ASN C 177 30.81 2.64 6.86
N PRO C 178 30.22 2.37 8.04
CA PRO C 178 30.97 2.27 9.30
C PRO C 178 31.71 0.94 9.47
N PHE C 179 31.36 -0.07 8.68
CA PHE C 179 31.81 -1.44 8.92
C PHE C 179 33.06 -1.84 8.17
N ARG C 180 33.46 -1.04 7.18
CA ARG C 180 34.64 -1.32 6.39
C ARG C 180 35.91 -1.10 7.22
N GLN C 192 29.08 -16.53 7.05
CA GLN C 192 28.25 -16.34 5.85
C GLN C 192 27.03 -17.29 5.87
N ASP C 193 25.83 -16.71 5.93
CA ASP C 193 24.62 -17.47 6.24
C ASP C 193 23.65 -17.70 5.08
N GLY C 194 23.99 -17.25 3.89
CA GLY C 194 23.12 -17.46 2.74
C GLY C 194 22.32 -16.22 2.38
N GLY C 195 22.20 -15.30 3.33
CA GLY C 195 21.48 -14.06 3.10
C GLY C 195 22.36 -12.92 2.62
N ILE C 196 21.75 -11.77 2.39
CA ILE C 196 22.46 -10.55 2.03
C ILE C 196 23.04 -9.92 3.30
N LYS C 197 24.35 -9.77 3.37
CA LYS C 197 24.98 -9.09 4.51
C LYS C 197 24.23 -7.81 4.87
N LEU C 198 23.86 -7.66 6.12
CA LEU C 198 23.23 -6.44 6.56
C LEU C 198 24.12 -5.23 6.32
N GLU C 199 25.43 -5.39 6.42
CA GLU C 199 26.31 -4.30 6.02
C GLU C 199 25.94 -3.78 4.61
N ALA C 200 25.70 -4.71 3.67
CA ALA C 200 25.37 -4.33 2.29
C ALA C 200 24.04 -3.59 2.20
N SER C 201 23.02 -4.13 2.87
CA SER C 201 21.69 -3.55 2.85
C SER C 201 21.75 -2.11 3.34
N MET C 202 22.47 -1.87 4.43
CA MET C 202 22.63 -0.53 4.97
C MET C 202 23.33 0.41 3.97
N CYS C 203 24.19 -0.12 3.12
CA CYS C 203 24.83 0.71 2.10
C CYS C 203 23.80 1.10 1.06
N TYR C 204 22.89 0.17 0.80
CA TYR C 204 21.85 0.41 -0.17
C TYR C 204 20.89 1.48 0.32
N LEU C 205 20.52 1.38 1.58
CA LEU C 205 19.63 2.36 2.18
C LEU C 205 20.33 3.70 2.17
N ARG C 206 21.64 3.66 2.46
CA ARG C 206 22.44 4.87 2.52
C ARG C 206 22.37 5.56 1.16
N GLY C 207 22.34 4.77 0.08
CA GLY C 207 22.21 5.33 -1.26
C GLY C 207 20.81 5.85 -1.55
N GLN C 208 19.80 5.16 -1.00
CA GLN C 208 18.42 5.59 -1.15
C GLN C 208 18.24 7.00 -0.56
N VAL C 209 18.92 7.29 0.54
CA VAL C 209 18.83 8.59 1.16
C VAL C 209 19.53 9.67 0.32
N TYR C 210 20.78 9.43 -0.04
CA TYR C 210 21.52 10.41 -0.84
C TYR C 210 20.83 10.71 -2.16
N THR C 211 20.06 9.75 -2.66
CA THR C 211 19.32 9.97 -3.88
C THR C 211 18.20 10.97 -3.63
N ASN C 212 17.58 10.87 -2.45
CA ASN C 212 16.49 11.77 -2.08
C ASN C 212 16.98 13.11 -1.54
N LEU C 213 18.29 13.20 -1.31
CA LEU C 213 18.92 14.46 -0.99
C LEU C 213 19.58 14.98 -2.27
N SER C 214 19.22 14.36 -3.39
CA SER C 214 19.77 14.72 -4.70
C SER C 214 21.30 14.73 -4.77
N ASN C 215 21.96 14.17 -3.75
CA ASN C 215 23.42 14.04 -3.79
C ASN C 215 23.83 12.83 -4.62
N PHE C 216 23.66 12.96 -5.93
CA PHE C 216 23.80 11.82 -6.82
C PHE C 216 25.20 11.21 -6.88
N ASP C 217 26.22 12.02 -6.61
CA ASP C 217 27.59 11.53 -6.64
C ASP C 217 27.80 10.46 -5.57
N ARG C 218 27.33 10.75 -4.37
CA ARG C 218 27.60 9.91 -3.22
C ARG C 218 26.60 8.74 -3.08
N ALA C 219 25.53 8.80 -3.87
CA ALA C 219 24.54 7.73 -3.92
C ALA C 219 25.08 6.61 -4.79
N LYS C 220 25.50 6.98 -6.00
CA LYS C 220 26.22 6.08 -6.87
C LYS C 220 27.32 5.37 -6.08
N GLU C 221 28.08 6.14 -5.30
CA GLU C 221 29.23 5.62 -4.60
C GLU C 221 28.81 4.70 -3.48
N CYS C 222 27.83 5.13 -2.71
CA CYS C 222 27.35 4.33 -1.60
C CYS C 222 26.48 3.09 -2.10
N TYR C 223 26.04 3.07 -3.36
CA TYR C 223 25.42 1.86 -3.97
C TYR C 223 26.46 0.81 -4.42
N LYS C 224 27.57 1.29 -4.97
CA LYS C 224 28.67 0.41 -5.40
C LYS C 224 29.28 -0.26 -4.18
N GLU C 225 29.34 0.46 -3.06
CA GLU C 225 29.75 -0.16 -1.80
C GLU C 225 28.90 -1.40 -1.55
N ALA C 226 27.58 -1.24 -1.65
CA ALA C 226 26.65 -2.35 -1.41
C ALA C 226 27.06 -3.58 -2.19
N LEU C 227 27.19 -3.42 -3.51
CA LEU C 227 27.55 -4.53 -4.38
C LEU C 227 28.97 -5.06 -4.10
N MET C 228 29.91 -4.18 -3.78
CA MET C 228 31.23 -4.64 -3.38
C MET C 228 31.16 -5.53 -2.12
N VAL C 229 30.26 -5.20 -1.19
CA VAL C 229 30.17 -5.91 0.09
C VAL C 229 29.48 -7.28 -0.03
N ASP C 230 28.36 -7.33 -0.74
CA ASP C 230 27.69 -8.61 -1.06
C ASP C 230 27.18 -8.50 -2.49
N ALA C 231 27.69 -9.34 -3.37
CA ALA C 231 27.29 -9.32 -4.77
C ALA C 231 25.80 -9.59 -4.95
N LYS C 232 25.17 -10.16 -3.93
CA LYS C 232 23.74 -10.47 -3.98
C LYS C 232 22.85 -9.25 -3.76
N CYS C 233 23.44 -8.09 -3.51
CA CYS C 233 22.60 -6.90 -3.32
C CYS C 233 22.08 -6.33 -4.64
N TYR C 234 21.35 -7.15 -5.35
CA TYR C 234 20.67 -6.72 -6.56
C TYR C 234 19.77 -5.43 -6.47
N GLU C 235 19.22 -5.08 -5.31
CA GLU C 235 18.46 -3.82 -5.24
C GLU C 235 19.39 -2.67 -5.58
N ALA C 236 20.61 -2.72 -5.04
CA ALA C 236 21.61 -1.68 -5.31
C ALA C 236 21.97 -1.63 -6.78
N PHE C 237 22.21 -2.81 -7.36
CA PHE C 237 22.51 -2.96 -8.77
C PHE C 237 21.39 -2.39 -9.64
N ASP C 238 20.16 -2.75 -9.29
CA ASP C 238 18.98 -2.27 -10.03
C ASP C 238 18.88 -0.75 -9.97
N GLN C 239 19.31 -0.16 -8.86
CA GLN C 239 19.31 1.30 -8.78
C GLN C 239 20.33 1.90 -9.74
N LEU C 240 21.56 1.40 -9.71
CA LEU C 240 22.60 1.94 -10.57
C LEU C 240 22.20 1.88 -12.06
N VAL C 241 21.60 0.77 -12.46
CA VAL C 241 21.33 0.52 -13.86
C VAL C 241 20.02 1.15 -14.33
N SER C 242 18.92 0.89 -13.64
CA SER C 242 17.65 1.42 -14.13
C SER C 242 17.56 2.93 -13.91
N ASN C 243 18.43 3.48 -13.08
CA ASN C 243 18.52 4.93 -12.94
C ASN C 243 19.65 5.54 -13.75
N HIS C 244 20.20 4.76 -14.68
CA HIS C 244 21.33 5.19 -15.50
C HIS C 244 22.30 6.03 -14.69
N LEU C 245 22.81 5.45 -13.62
CA LEU C 245 23.71 6.12 -12.70
C LEU C 245 25.16 5.93 -13.15
N LEU C 246 25.37 5.06 -14.13
CA LEU C 246 26.72 4.75 -14.58
C LEU C 246 26.86 4.79 -16.09
N THR C 247 28.11 4.89 -16.55
CA THR C 247 28.49 4.76 -17.95
C THR C 247 28.30 3.32 -18.36
N ALA C 248 28.17 3.06 -19.65
CA ALA C 248 28.17 1.68 -20.13
C ALA C 248 29.41 0.96 -19.61
N ASP C 249 30.56 1.60 -19.77
CA ASP C 249 31.83 1.05 -19.29
C ASP C 249 31.88 0.99 -17.78
N GLU C 250 31.35 2.00 -17.11
CA GLU C 250 31.28 1.97 -15.65
C GLU C 250 30.61 0.69 -15.15
N GLU C 251 29.50 0.31 -15.78
CA GLU C 251 28.72 -0.88 -15.38
C GLU C 251 29.45 -2.19 -15.61
N TRP C 252 30.04 -2.33 -16.79
CA TRP C 252 30.81 -3.54 -17.14
C TRP C 252 31.98 -3.70 -16.20
N ASP C 253 32.68 -2.59 -15.99
CA ASP C 253 33.80 -2.52 -15.07
C ASP C 253 33.38 -3.03 -13.70
N LEU C 254 32.14 -2.75 -13.32
CA LEU C 254 31.66 -3.11 -11.99
C LEU C 254 31.25 -4.58 -11.84
N VAL C 255 30.49 -5.13 -12.79
CA VAL C 255 30.05 -6.51 -12.58
C VAL C 255 31.20 -7.46 -12.85
N LEU C 256 32.28 -6.90 -13.40
CA LEU C 256 33.51 -7.66 -13.64
C LEU C 256 34.34 -7.82 -12.36
N LYS C 257 34.35 -6.79 -11.51
CA LYS C 257 35.18 -6.79 -10.31
C LYS C 257 34.45 -7.21 -9.03
N LEU C 258 33.21 -7.67 -9.15
CA LEU C 258 32.47 -8.17 -8.00
C LEU C 258 33.15 -9.41 -7.39
N ASN C 259 32.96 -9.61 -6.09
CA ASN C 259 33.44 -10.81 -5.40
C ASN C 259 32.30 -11.83 -5.35
N TYR C 260 32.15 -12.59 -6.42
CA TYR C 260 31.05 -13.53 -6.53
C TYR C 260 31.12 -14.66 -5.51
N SER C 261 32.17 -14.65 -4.70
CA SER C 261 32.26 -15.60 -3.61
C SER C 261 31.31 -15.24 -2.46
N THR C 262 30.77 -14.03 -2.47
CA THR C 262 29.78 -13.65 -1.48
C THR C 262 28.46 -14.30 -1.86
N TYR C 263 28.40 -14.84 -3.09
CA TYR C 263 27.32 -15.73 -3.53
C TYR C 263 27.78 -17.19 -3.38
N SER C 264 28.77 -17.58 -4.18
CA SER C 264 29.34 -18.92 -4.09
C SER C 264 30.64 -18.89 -4.86
N LYS C 265 31.73 -19.25 -4.19
CA LYS C 265 33.04 -19.34 -4.84
C LYS C 265 32.92 -20.18 -6.12
N GLU C 266 32.53 -21.44 -5.97
CA GLU C 266 32.16 -22.24 -7.14
C GLU C 266 30.86 -21.67 -7.62
N ASP C 267 30.59 -21.75 -8.91
CA ASP C 267 29.34 -21.16 -9.39
C ASP C 267 29.32 -19.64 -9.36
N ALA C 268 30.45 -19.01 -9.04
CA ALA C 268 30.56 -17.57 -9.22
C ALA C 268 30.06 -17.17 -10.61
N ALA C 269 30.43 -17.96 -11.61
CA ALA C 269 30.11 -17.68 -13.02
C ALA C 269 28.63 -17.47 -13.26
N PHE C 270 27.81 -18.31 -12.64
CA PHE C 270 26.36 -18.25 -12.78
C PHE C 270 25.83 -16.86 -12.50
N LEU C 271 26.24 -16.29 -11.36
CA LEU C 271 25.70 -14.98 -10.96
C LEU C 271 26.25 -13.88 -11.86
N ARG C 272 27.51 -13.97 -12.25
CA ARG C 272 28.12 -12.96 -13.12
C ARG C 272 27.45 -12.89 -14.48
N SER C 273 27.12 -14.04 -15.03
CA SER C 273 26.43 -14.09 -16.31
C SER C 273 25.07 -13.43 -16.21
N LEU C 274 24.37 -13.70 -15.10
CA LEU C 274 23.06 -13.12 -14.89
C LEU C 274 23.12 -11.60 -14.89
N TYR C 275 24.17 -11.04 -14.29
CA TYR C 275 24.31 -9.59 -14.21
C TYR C 275 24.69 -8.99 -15.55
N MET C 276 25.58 -9.65 -16.29
CA MET C 276 25.88 -9.23 -17.64
C MET C 276 24.64 -9.09 -18.53
N LEU C 277 23.61 -9.91 -18.29
CA LEU C 277 22.35 -9.80 -19.05
C LEU C 277 21.69 -8.42 -18.93
N LYS C 278 22.09 -7.66 -17.91
CA LYS C 278 21.49 -6.35 -17.68
C LYS C 278 22.30 -5.21 -18.32
N LEU C 279 23.58 -5.47 -18.60
CA LEU C 279 24.47 -4.42 -19.09
C LEU C 279 24.24 -4.14 -20.57
N ASN C 280 24.91 -3.13 -21.12
CA ASN C 280 24.64 -2.76 -22.50
C ASN C 280 25.22 -3.78 -23.49
N LYS C 281 24.50 -4.00 -24.59
CA LYS C 281 24.81 -5.10 -25.51
C LYS C 281 26.01 -4.88 -26.42
N THR C 282 26.47 -3.65 -26.56
CA THR C 282 27.41 -3.36 -27.63
C THR C 282 28.74 -2.75 -27.19
N SER C 283 29.30 -3.26 -26.10
CA SER C 283 30.61 -2.81 -25.64
C SER C 283 31.56 -3.97 -25.29
N HIS C 284 30.98 -5.04 -24.76
CA HIS C 284 31.76 -6.23 -24.41
C HIS C 284 31.10 -7.43 -25.07
N GLU C 285 31.10 -7.45 -26.40
CA GLU C 285 30.37 -8.48 -27.13
C GLU C 285 30.91 -9.88 -26.87
N ASP C 286 32.10 -9.97 -26.30
CA ASP C 286 32.74 -11.26 -26.06
C ASP C 286 32.24 -11.90 -24.78
N GLU C 287 32.31 -11.14 -23.69
CA GLU C 287 31.82 -11.58 -22.39
C GLU C 287 30.33 -11.84 -22.43
N LEU C 288 29.60 -11.04 -23.19
CA LEU C 288 28.16 -11.18 -23.28
C LEU C 288 27.76 -12.48 -23.97
N ARG C 289 28.49 -12.82 -25.04
CA ARG C 289 28.27 -14.05 -25.80
C ARG C 289 28.59 -15.29 -24.98
N ARG C 290 29.69 -15.24 -24.22
CA ARG C 290 30.09 -16.36 -23.37
C ARG C 290 29.09 -16.52 -22.22
N ALA C 291 28.46 -15.41 -21.85
CA ALA C 291 27.50 -15.39 -20.76
C ALA C 291 26.19 -16.02 -21.19
N GLU C 292 25.59 -15.49 -22.24
CA GLU C 292 24.31 -16.01 -22.72
C GLU C 292 24.44 -17.50 -23.06
N ASP C 293 25.64 -17.89 -23.48
CA ASP C 293 25.90 -19.27 -23.89
C ASP C 293 25.83 -20.22 -22.71
N TYR C 294 26.50 -19.86 -21.63
CA TYR C 294 26.48 -20.66 -20.42
C TYR C 294 25.07 -20.76 -19.80
N LEU C 295 24.38 -19.63 -19.70
CA LEU C 295 23.01 -19.59 -19.17
C LEU C 295 22.06 -20.44 -20.02
N SER C 296 22.25 -20.39 -21.34
CA SER C 296 21.40 -21.13 -22.26
C SER C 296 21.48 -22.64 -22.04
N SER C 297 22.64 -23.15 -21.68
CA SER C 297 22.78 -24.58 -21.44
C SER C 297 22.03 -25.06 -20.19
N ILE C 298 21.74 -24.13 -19.27
CA ILE C 298 21.02 -24.47 -18.03
C ILE C 298 19.54 -24.63 -18.30
N ASN C 299 19.00 -25.82 -18.06
CA ASN C 299 17.60 -26.09 -18.41
C ASN C 299 16.64 -25.30 -17.55
N GLY C 300 15.74 -24.60 -18.22
CA GLY C 300 14.73 -23.80 -17.55
C GLY C 300 14.85 -22.32 -17.88
N LEU C 301 16.08 -21.90 -18.17
CA LEU C 301 16.39 -20.50 -18.36
C LEU C 301 16.03 -19.93 -19.74
N GLU C 302 15.81 -20.80 -20.73
CA GLU C 302 15.33 -20.35 -22.03
C GLU C 302 13.95 -19.69 -21.91
N LYS C 303 13.26 -19.94 -20.80
CA LYS C 303 11.92 -19.40 -20.60
C LYS C 303 12.01 -18.12 -19.77
N SER C 304 13.22 -17.81 -19.32
CA SER C 304 13.46 -16.61 -18.51
C SER C 304 13.31 -15.31 -19.31
N SER C 305 12.58 -14.35 -18.75
CA SER C 305 12.37 -13.06 -19.40
C SER C 305 13.67 -12.27 -19.53
N ASP C 306 14.45 -12.24 -18.45
CA ASP C 306 15.73 -11.51 -18.44
C ASP C 306 16.66 -12.01 -19.54
N LEU C 307 16.71 -13.33 -19.73
CA LEU C 307 17.58 -13.87 -20.74
C LEU C 307 17.02 -13.46 -22.10
N LEU C 308 15.75 -13.78 -22.30
CA LEU C 308 15.05 -13.51 -23.55
C LEU C 308 15.06 -12.02 -23.91
N LEU C 309 14.93 -11.18 -22.90
CA LEU C 309 14.85 -9.74 -23.10
C LEU C 309 16.22 -9.24 -23.53
N CYS C 310 17.24 -9.91 -23.07
CA CYS C 310 18.59 -9.55 -23.42
C CYS C 310 18.80 -9.90 -24.89
N LYS C 311 18.36 -11.08 -25.26
CA LYS C 311 18.50 -11.57 -26.63
C LYS C 311 17.84 -10.65 -27.63
N ALA C 312 16.64 -10.18 -27.29
CA ALA C 312 15.93 -9.27 -28.17
C ALA C 312 16.57 -7.88 -28.24
N ASP C 313 17.21 -7.44 -27.16
CA ASP C 313 17.95 -6.18 -27.18
C ASP C 313 19.08 -6.29 -28.19
N THR C 314 19.81 -7.40 -28.12
CA THR C 314 20.86 -7.68 -29.08
C THR C 314 20.29 -7.67 -30.49
N LEU C 315 19.34 -8.56 -30.73
CA LEU C 315 18.60 -8.60 -31.99
C LEU C 315 18.17 -7.22 -32.49
N PHE C 316 17.67 -6.37 -31.60
CA PHE C 316 17.19 -5.07 -32.04
C PHE C 316 18.31 -4.16 -32.51
N VAL C 317 19.45 -4.26 -31.84
CA VAL C 317 20.66 -3.55 -32.25
C VAL C 317 21.08 -4.00 -33.66
N ARG C 318 20.81 -5.26 -34.00
CA ARG C 318 21.15 -5.79 -35.31
C ARG C 318 20.02 -5.61 -36.34
N SER C 319 19.05 -4.76 -36.01
CA SER C 319 17.90 -4.51 -36.87
C SER C 319 17.16 -5.78 -37.28
N ARG C 320 17.20 -6.81 -36.44
CA ARG C 320 16.51 -8.03 -36.79
C ARG C 320 15.12 -8.10 -36.16
N PHE C 321 14.24 -7.21 -36.62
CA PHE C 321 12.95 -6.94 -36.00
C PHE C 321 11.90 -8.08 -35.95
N ILE C 322 11.86 -8.95 -36.96
CA ILE C 322 11.00 -10.12 -36.92
C ILE C 322 11.43 -11.06 -35.79
N ASP C 323 12.74 -11.30 -35.70
CA ASP C 323 13.29 -12.13 -34.63
C ASP C 323 12.94 -11.57 -33.27
N VAL C 324 13.25 -10.28 -33.06
CA VAL C 324 12.90 -9.56 -31.84
C VAL C 324 11.43 -9.78 -31.52
N LEU C 325 10.58 -9.53 -32.53
CA LEU C 325 9.13 -9.64 -32.36
C LEU C 325 8.68 -11.05 -32.04
N ALA C 326 9.45 -12.05 -32.46
CA ALA C 326 9.10 -13.42 -32.15
C ALA C 326 9.32 -13.68 -30.67
N ILE C 327 10.40 -13.10 -30.13
CA ILE C 327 10.74 -13.26 -28.73
C ILE C 327 9.80 -12.44 -27.82
N THR C 328 9.78 -11.14 -28.07
CA THR C 328 8.91 -10.22 -27.36
C THR C 328 7.52 -10.82 -27.22
N THR C 329 6.89 -11.17 -28.34
CA THR C 329 5.56 -11.79 -28.33
C THR C 329 5.46 -13.02 -27.42
N LYS C 330 6.48 -13.87 -27.44
CA LYS C 330 6.50 -15.04 -26.55
C LYS C 330 6.51 -14.61 -25.08
N ILE C 331 7.18 -13.50 -24.80
CA ILE C 331 7.21 -12.97 -23.45
C ILE C 331 5.83 -12.47 -23.01
N LEU C 332 5.10 -11.81 -23.90
CA LEU C 332 3.82 -11.22 -23.52
C LEU C 332 2.73 -12.26 -23.31
N GLU C 333 2.90 -13.44 -23.91
CA GLU C 333 1.94 -14.52 -23.72
C GLU C 333 2.27 -15.32 -22.45
N ILE C 334 3.54 -15.62 -22.22
CA ILE C 334 3.93 -16.47 -21.08
C ILE C 334 4.22 -15.71 -19.78
N ASP C 335 4.04 -14.39 -19.81
CA ASP C 335 4.16 -13.55 -18.61
C ASP C 335 3.58 -12.17 -18.85
N PRO C 336 2.25 -12.08 -18.90
CA PRO C 336 1.51 -10.88 -19.28
C PRO C 336 1.74 -9.65 -18.39
N TYR C 337 2.26 -9.82 -17.19
CA TYR C 337 2.29 -8.69 -16.27
C TYR C 337 3.60 -7.91 -16.25
N ASN C 338 4.60 -8.37 -16.97
CA ASN C 338 5.82 -7.57 -17.02
C ASN C 338 5.81 -6.60 -18.20
N LEU C 339 5.93 -5.32 -17.87
CA LEU C 339 5.82 -4.25 -18.84
C LEU C 339 7.20 -3.78 -19.31
N ASP C 340 8.27 -4.46 -18.87
CA ASP C 340 9.62 -4.12 -19.29
C ASP C 340 9.77 -4.33 -20.81
N VAL C 341 9.03 -5.29 -21.35
CA VAL C 341 9.13 -5.70 -22.73
C VAL C 341 8.54 -4.67 -23.74
N TYR C 342 7.62 -3.84 -23.28
CA TYR C 342 6.87 -3.01 -24.21
C TYR C 342 7.66 -2.03 -25.09
N PRO C 343 8.59 -1.25 -24.51
CA PRO C 343 9.21 -0.26 -25.40
C PRO C 343 9.86 -0.91 -26.63
N LEU C 344 10.39 -2.12 -26.42
CA LEU C 344 11.05 -2.86 -27.47
C LEU C 344 10.03 -3.48 -28.42
N HIS C 345 8.93 -3.94 -27.85
CA HIS C 345 7.86 -4.52 -28.65
C HIS C 345 7.16 -3.46 -29.51
N LEU C 346 6.81 -2.33 -28.88
CA LEU C 346 6.25 -1.19 -29.58
C LEU C 346 7.19 -0.65 -30.68
N ALA C 347 8.47 -0.46 -30.33
CA ALA C 347 9.43 0.03 -31.32
C ALA C 347 9.53 -0.89 -32.54
N SER C 348 9.69 -2.19 -32.29
CA SER C 348 9.68 -3.20 -33.36
C SER C 348 8.40 -3.25 -34.22
N LEU C 349 7.24 -3.01 -33.60
CA LEU C 349 6.00 -2.95 -34.38
C LEU C 349 5.95 -1.72 -35.28
N HIS C 350 6.49 -0.60 -34.79
CA HIS C 350 6.49 0.63 -35.57
C HIS C 350 7.27 0.44 -36.85
N GLU C 351 8.44 -0.17 -36.73
CA GLU C 351 9.29 -0.45 -37.88
C GLU C 351 8.61 -1.46 -38.81
N SER C 352 7.85 -2.37 -38.22
CA SER C 352 7.14 -3.41 -38.97
C SER C 352 5.81 -2.91 -39.49
N GLY C 353 5.48 -1.68 -39.14
CA GLY C 353 4.29 -1.01 -39.61
C GLY C 353 2.97 -1.61 -39.23
N GLU C 354 2.92 -2.29 -38.09
CA GLU C 354 1.69 -2.93 -37.68
C GLU C 354 0.79 -1.94 -37.00
N LYS C 355 0.00 -1.22 -37.78
CA LYS C 355 -0.91 -0.25 -37.20
C LYS C 355 -1.94 -0.91 -36.34
N ASN C 356 -2.44 -2.06 -36.78
CA ASN C 356 -3.47 -2.76 -36.04
C ASN C 356 -3.05 -3.27 -34.67
N LYS C 357 -1.87 -3.87 -34.59
CA LYS C 357 -1.38 -4.36 -33.32
C LYS C 357 -1.16 -3.20 -32.39
N LEU C 358 -0.69 -2.11 -32.95
CA LEU C 358 -0.39 -0.89 -32.21
C LEU C 358 -1.70 -0.24 -31.70
N TYR C 359 -2.77 -0.39 -32.48
CA TYR C 359 -4.09 0.05 -32.06
C TYR C 359 -4.63 -0.89 -30.99
N LEU C 360 -4.53 -2.18 -31.26
CA LEU C 360 -4.97 -3.19 -30.29
C LEU C 360 -4.31 -2.97 -28.95
N ILE C 361 -2.98 -3.02 -28.94
CA ILE C 361 -2.16 -2.97 -27.73
C ILE C 361 -2.28 -1.68 -26.93
N SER C 362 -2.36 -0.56 -27.62
CA SER C 362 -2.41 0.72 -26.91
C SER C 362 -3.77 0.91 -26.25
N ASN C 363 -4.83 0.80 -27.06
CA ASN C 363 -6.21 0.87 -26.55
C ASN C 363 -6.44 0.21 -25.20
N ASP C 364 -6.03 -1.05 -25.06
CA ASP C 364 -6.25 -1.76 -23.80
C ASP C 364 -5.18 -1.43 -22.77
N LEU C 365 -4.01 -0.99 -23.22
CA LEU C 365 -3.05 -0.45 -22.28
C LEU C 365 -3.62 0.79 -21.60
N VAL C 366 -4.21 1.69 -22.38
CA VAL C 366 -4.85 2.87 -21.78
C VAL C 366 -6.00 2.44 -20.88
N ASP C 367 -6.67 1.36 -21.28
CA ASP C 367 -7.80 0.82 -20.53
C ASP C 367 -7.35 0.11 -19.26
N ARG C 368 -6.16 -0.47 -19.30
CA ARG C 368 -5.66 -1.30 -18.20
C ARG C 368 -4.65 -0.61 -17.27
N HIS C 369 -3.73 0.15 -17.86
CA HIS C 369 -2.73 0.87 -17.07
C HIS C 369 -2.69 2.35 -17.43
N PRO C 370 -3.77 3.09 -17.12
CA PRO C 370 -3.76 4.52 -17.45
C PRO C 370 -2.65 5.27 -16.71
N GLU C 371 -2.11 4.68 -15.65
CA GLU C 371 -1.13 5.37 -14.80
C GLU C 371 0.32 5.22 -15.25
N LYS C 372 0.60 4.27 -16.14
CA LYS C 372 1.97 3.99 -16.56
C LYS C 372 2.37 4.81 -17.80
N ALA C 373 3.59 5.33 -17.79
CA ALA C 373 4.09 6.09 -18.95
C ALA C 373 4.16 5.20 -20.19
N VAL C 374 4.37 3.90 -19.98
CA VAL C 374 4.46 2.96 -21.08
C VAL C 374 3.26 3.03 -21.99
N THR C 375 2.07 3.09 -21.41
CA THR C 375 0.85 2.99 -22.21
C THR C 375 0.68 4.21 -23.10
N TRP C 376 1.13 5.36 -22.61
CA TRP C 376 0.98 6.61 -23.36
C TRP C 376 2.09 6.83 -24.38
N LEU C 377 3.15 6.05 -24.23
CA LEU C 377 4.16 5.88 -25.25
C LEU C 377 3.53 5.05 -26.38
N ALA C 378 2.78 4.01 -25.99
CA ALA C 378 2.16 3.13 -26.97
C ALA C 378 1.14 3.89 -27.82
N VAL C 379 0.41 4.81 -27.19
CA VAL C 379 -0.54 5.63 -27.92
C VAL C 379 0.15 6.59 -28.88
N GLY C 380 1.27 7.17 -28.46
CA GLY C 380 1.99 8.11 -29.29
C GLY C 380 2.53 7.38 -30.49
N ILE C 381 3.05 6.18 -30.26
CA ILE C 381 3.65 5.40 -31.32
C ILE C 381 2.61 4.97 -32.35
N TYR C 382 1.39 4.70 -31.91
CA TYR C 382 0.32 4.39 -32.86
C TYR C 382 0.08 5.56 -33.80
N TYR C 383 0.04 6.77 -33.26
CA TYR C 383 -0.16 7.96 -34.08
C TYR C 383 1.01 8.22 -35.04
N LEU C 384 2.13 7.52 -34.81
CA LEU C 384 3.26 7.56 -35.72
C LEU C 384 3.10 6.73 -37.00
N CYS C 385 2.73 5.43 -36.92
CA CYS C 385 2.49 4.68 -38.19
C CYS C 385 1.18 5.08 -38.85
N VAL C 386 0.68 6.26 -38.50
CA VAL C 386 -0.57 6.75 -39.05
C VAL C 386 -0.40 8.22 -39.38
N ASN C 387 0.77 8.74 -39.02
CA ASN C 387 1.20 10.09 -39.38
C ASN C 387 0.27 11.18 -38.88
N LYS C 388 -0.31 10.97 -37.71
CA LYS C 388 -0.96 12.05 -36.99
C LYS C 388 0.07 12.60 -36.01
N ILE C 389 0.99 13.39 -36.55
CA ILE C 389 2.17 13.82 -35.79
C ILE C 389 1.83 14.78 -34.66
N SER C 390 0.92 15.71 -34.91
CA SER C 390 0.47 16.64 -33.86
C SER C 390 -0.09 15.92 -32.64
N GLU C 391 -0.77 14.79 -32.86
CA GLU C 391 -1.29 13.95 -31.77
C GLU C 391 -0.23 13.07 -31.08
N ALA C 392 0.65 12.46 -31.87
CA ALA C 392 1.72 11.62 -31.34
C ALA C 392 2.65 12.46 -30.46
N ARG C 393 2.98 13.67 -30.92
CA ARG C 393 3.72 14.62 -30.11
C ARG C 393 2.99 14.93 -28.80
N ARG C 394 1.67 14.86 -28.85
CA ARG C 394 0.82 15.17 -27.72
C ARG C 394 0.94 14.10 -26.64
N TYR C 395 0.93 12.83 -27.05
CA TYR C 395 1.02 11.72 -26.11
C TYR C 395 2.44 11.31 -25.70
N PHE C 396 3.45 11.71 -26.47
CA PHE C 396 4.84 11.51 -26.05
C PHE C 396 5.15 12.58 -25.03
N SER C 397 4.47 13.71 -25.16
CA SER C 397 4.64 14.83 -24.24
C SER C 397 4.12 14.41 -22.89
N LYS C 398 2.93 13.80 -22.93
CA LYS C 398 2.23 13.32 -21.75
C LYS C 398 3.02 12.19 -21.11
N SER C 399 3.54 11.30 -21.95
CA SER C 399 4.32 10.17 -21.48
C SER C 399 5.64 10.55 -20.79
N SER C 400 6.23 11.70 -21.15
CA SER C 400 7.51 12.11 -20.58
C SER C 400 7.37 13.09 -19.42
N THR C 401 6.17 13.66 -19.27
CA THR C 401 5.86 14.48 -18.10
C THR C 401 5.46 13.58 -16.94
N MET C 402 4.83 12.45 -17.25
CA MET C 402 4.50 11.43 -16.24
C MET C 402 5.78 10.86 -15.67
N ASP C 403 6.64 10.38 -16.57
CA ASP C 403 7.94 9.88 -16.17
C ASP C 403 9.04 10.57 -16.98
N PRO C 404 9.58 11.67 -16.44
CA PRO C 404 10.70 12.41 -17.03
C PRO C 404 11.94 11.56 -17.22
N GLN C 405 11.99 10.40 -16.57
CA GLN C 405 13.14 9.50 -16.62
C GLN C 405 13.01 8.44 -17.71
N PHE C 406 11.90 8.47 -18.44
CA PHE C 406 11.52 7.43 -19.40
C PHE C 406 12.07 7.68 -20.81
N GLY C 407 13.26 7.14 -21.08
CA GLY C 407 14.01 7.42 -22.30
C GLY C 407 13.27 7.29 -23.61
N PRO C 408 12.64 6.13 -23.83
CA PRO C 408 11.88 5.86 -25.06
C PRO C 408 10.88 6.97 -25.43
N ALA C 409 10.36 7.68 -24.43
CA ALA C 409 9.35 8.70 -24.70
C ALA C 409 9.98 10.01 -25.21
N TRP C 410 11.16 10.35 -24.69
CA TRP C 410 11.85 11.52 -25.21
C TRP C 410 12.32 11.33 -26.66
N ILE C 411 12.64 10.08 -27.04
CA ILE C 411 12.94 9.78 -28.43
C ILE C 411 11.72 9.96 -29.35
N GLY C 412 10.62 9.32 -29.01
CA GLY C 412 9.36 9.57 -29.68
C GLY C 412 9.06 11.06 -29.79
N PHE C 413 9.22 11.76 -28.68
CA PHE C 413 8.96 13.19 -28.67
C PHE C 413 9.83 13.85 -29.74
N ALA C 414 11.14 13.70 -29.55
CA ALA C 414 12.15 14.26 -30.44
C ALA C 414 11.85 13.97 -31.90
N HIS C 415 11.52 12.74 -32.20
CA HIS C 415 11.26 12.34 -33.59
C HIS C 415 10.11 13.12 -34.16
N SER C 416 9.08 13.33 -33.36
CA SER C 416 7.87 14.03 -33.81
C SER C 416 8.14 15.50 -34.17
N PHE C 417 9.10 16.13 -33.50
CA PHE C 417 9.58 17.44 -33.92
C PHE C 417 10.32 17.33 -35.26
N ALA C 418 11.28 16.42 -35.33
CA ALA C 418 12.02 16.17 -36.55
C ALA C 418 11.06 16.06 -37.75
N ILE C 419 10.14 15.09 -37.71
CA ILE C 419 9.10 14.94 -38.72
C ILE C 419 8.46 16.26 -39.11
N GLU C 420 7.94 16.99 -38.13
CA GLU C 420 7.28 18.27 -38.36
C GLU C 420 8.22 19.46 -38.42
N GLY C 421 9.47 19.23 -38.81
CA GLY C 421 10.40 20.31 -39.14
C GLY C 421 10.95 21.21 -38.04
N GLU C 422 10.63 20.94 -36.77
CA GLU C 422 11.15 21.78 -35.70
C GLU C 422 12.47 21.26 -35.06
N HIS C 423 13.59 21.76 -35.58
CA HIS C 423 14.94 21.26 -35.25
C HIS C 423 15.41 21.47 -33.80
N ASP C 424 15.38 22.70 -33.30
CA ASP C 424 15.88 23.00 -31.97
C ASP C 424 15.15 22.21 -30.87
N GLN C 425 13.86 21.96 -31.10
CA GLN C 425 13.05 21.27 -30.12
C GLN C 425 13.41 19.81 -30.13
N ALA C 426 13.62 19.27 -31.33
CA ALA C 426 14.02 17.88 -31.46
C ALA C 426 15.37 17.65 -30.80
N ILE C 427 16.31 18.56 -31.07
CA ILE C 427 17.64 18.50 -30.50
C ILE C 427 17.56 18.63 -28.98
N SER C 428 16.66 19.46 -28.48
CA SER C 428 16.46 19.53 -27.04
C SER C 428 16.07 18.16 -26.51
N ALA C 429 15.00 17.60 -27.07
CA ALA C 429 14.49 16.29 -26.64
C ALA C 429 15.54 15.19 -26.83
N TYR C 430 16.23 15.22 -27.97
CA TYR C 430 17.30 14.26 -28.20
C TYR C 430 18.36 14.32 -27.13
N THR C 431 18.83 15.52 -26.78
CA THR C 431 19.94 15.55 -25.83
C THR C 431 19.45 15.26 -24.43
N THR C 432 18.19 15.59 -24.12
CA THR C 432 17.70 15.10 -22.84
C THR C 432 17.56 13.58 -22.90
N ALA C 433 17.04 13.05 -23.99
CA ALA C 433 16.98 11.59 -24.15
C ALA C 433 18.33 10.84 -24.07
N ALA C 434 19.41 11.48 -24.48
CA ALA C 434 20.73 10.86 -24.43
C ALA C 434 21.21 10.63 -23.00
N ARG C 435 20.83 11.54 -22.10
CA ARG C 435 21.19 11.41 -20.69
C ARG C 435 20.70 10.07 -20.12
N LEU C 436 19.45 9.73 -20.42
CA LEU C 436 18.93 8.39 -20.21
C LEU C 436 19.56 7.49 -21.28
N PHE C 437 19.43 6.17 -21.12
CA PHE C 437 20.14 5.26 -22.02
C PHE C 437 21.66 5.27 -21.73
N THR C 440 24.72 4.46 -25.71
CA THR C 440 23.99 4.01 -26.89
C THR C 440 24.25 4.89 -28.11
N HIS C 441 24.54 4.22 -29.23
CA HIS C 441 24.88 4.95 -30.43
C HIS C 441 23.66 5.69 -30.94
N LEU C 442 22.48 5.21 -30.57
CA LEU C 442 21.25 5.74 -31.14
C LEU C 442 20.96 7.24 -30.87
N PRO C 443 21.01 7.69 -29.61
CA PRO C 443 20.73 9.14 -29.47
C PRO C 443 21.74 10.03 -30.20
N TYR C 444 23.03 9.71 -30.14
CA TYR C 444 24.05 10.51 -30.82
C TYR C 444 23.83 10.52 -32.34
N LEU C 445 23.39 9.38 -32.84
CA LEU C 445 23.07 9.26 -34.24
C LEU C 445 21.95 10.25 -34.59
N PHE C 446 20.84 10.23 -33.86
CA PHE C 446 19.74 11.15 -34.11
C PHE C 446 20.12 12.64 -34.01
N LEU C 447 20.86 13.01 -32.96
CA LEU C 447 21.42 14.37 -32.85
C LEU C 447 22.21 14.69 -34.11
N GLY C 448 23.00 13.73 -34.57
CA GLY C 448 23.77 13.91 -35.79
C GLY C 448 22.90 14.17 -37.01
N MET C 449 21.87 13.33 -37.19
CA MET C 449 20.95 13.49 -38.32
C MET C 449 20.27 14.85 -38.30
N GLN C 450 20.01 15.35 -37.10
CA GLN C 450 19.33 16.63 -36.93
C GLN C 450 20.18 17.84 -37.31
N HIS C 451 21.43 17.86 -36.88
CA HIS C 451 22.33 18.93 -37.32
C HIS C 451 22.64 18.87 -38.80
N MET C 452 22.54 17.69 -39.40
CA MET C 452 22.80 17.62 -40.82
C MET C 452 21.68 18.28 -41.59
N GLN C 453 20.44 18.04 -41.17
CA GLN C 453 19.28 18.72 -41.76
C GLN C 453 19.37 20.23 -41.58
N LEU C 454 19.89 20.66 -40.44
CA LEU C 454 20.15 22.08 -40.19
C LEU C 454 21.38 22.57 -40.97
N GLY C 455 22.15 21.63 -41.50
CA GLY C 455 23.31 21.98 -42.29
C GLY C 455 24.53 22.32 -41.45
N ASN C 456 24.50 21.97 -40.16
CA ASN C 456 25.67 22.13 -39.29
C ASN C 456 26.57 20.91 -39.38
N ILE C 457 27.56 20.97 -40.27
CA ILE C 457 28.31 19.79 -40.65
C ILE C 457 29.34 19.39 -39.62
N LEU C 458 29.96 20.37 -38.95
CA LEU C 458 30.91 20.07 -37.88
C LEU C 458 30.23 19.31 -36.73
N LEU C 459 29.13 19.87 -36.25
CA LEU C 459 28.36 19.27 -35.17
C LEU C 459 27.82 17.92 -35.64
N ALA C 460 27.29 17.87 -36.85
CA ALA C 460 26.74 16.62 -37.36
C ALA C 460 27.80 15.53 -37.26
N ASN C 461 29.00 15.85 -37.73
CA ASN C 461 30.13 14.93 -37.66
C ASN C 461 30.60 14.58 -36.24
N GLU C 462 30.76 15.58 -35.38
CA GLU C 462 31.09 15.28 -33.98
C GLU C 462 30.18 14.21 -33.42
N TYR C 463 28.87 14.35 -33.63
CA TYR C 463 27.92 13.37 -33.10
C TYR C 463 27.98 11.99 -33.75
N LEU C 464 27.98 11.95 -35.07
CA LEU C 464 28.06 10.69 -35.80
C LEU C 464 29.32 9.92 -35.43
N GLN C 465 30.44 10.61 -35.29
CA GLN C 465 31.66 9.97 -34.81
C GLN C 465 31.50 9.42 -33.39
N SER C 466 30.93 10.21 -32.48
CA SER C 466 30.69 9.71 -31.13
C SER C 466 29.79 8.47 -31.18
N SER C 467 28.86 8.46 -32.12
CA SER C 467 27.98 7.32 -32.31
C SER C 467 28.70 6.09 -32.93
N TYR C 468 29.64 6.33 -33.83
CA TYR C 468 30.40 5.26 -34.48
C TYR C 468 31.39 4.59 -33.52
N ALA C 469 31.97 5.37 -32.61
CA ALA C 469 32.86 4.81 -31.61
C ALA C 469 32.09 3.81 -30.76
N LEU C 470 30.83 4.10 -30.49
CA LEU C 470 29.97 3.19 -29.73
C LEU C 470 29.69 1.87 -30.48
N PHE C 471 29.19 1.97 -31.71
CA PHE C 471 28.78 0.79 -32.47
C PHE C 471 28.95 1.05 -33.97
N GLN C 472 29.75 0.24 -34.64
CA GLN C 472 30.08 0.51 -36.04
C GLN C 472 29.22 -0.21 -37.10
N TYR C 473 28.15 -0.87 -36.69
CA TYR C 473 27.49 -1.80 -37.61
C TYR C 473 26.00 -1.54 -37.85
N ASP C 474 25.60 -0.29 -37.72
CA ASP C 474 24.21 0.09 -37.94
C ASP C 474 24.11 0.76 -39.31
N PRO C 475 23.28 0.19 -40.22
CA PRO C 475 23.31 0.74 -41.59
C PRO C 475 22.83 2.19 -41.63
N LEU C 476 22.04 2.60 -40.63
CA LEU C 476 21.51 3.97 -40.61
C LEU C 476 22.65 4.93 -40.30
N LEU C 477 23.56 4.52 -39.43
CA LEU C 477 24.67 5.37 -39.05
C LEU C 477 25.65 5.51 -40.21
N LEU C 478 25.86 4.41 -40.92
CA LEU C 478 26.73 4.40 -42.10
C LEU C 478 26.16 5.23 -43.22
N ASN C 479 24.83 5.25 -43.36
CA ASN C 479 24.25 6.19 -44.31
C ASN C 479 24.58 7.63 -43.93
N GLU C 480 24.46 7.99 -42.65
CA GLU C 480 24.70 9.37 -42.27
C GLU C 480 26.16 9.78 -42.42
N LEU C 481 27.10 8.92 -42.04
CA LEU C 481 28.50 9.19 -42.29
C LEU C 481 28.74 9.40 -43.78
N GLY C 482 28.05 8.61 -44.58
CA GLY C 482 28.21 8.72 -46.02
C GLY C 482 27.80 10.09 -46.49
N VAL C 483 26.69 10.60 -45.93
CA VAL C 483 26.12 11.85 -46.38
C VAL C 483 26.95 13.03 -45.90
N VAL C 484 27.63 12.84 -44.78
CA VAL C 484 28.58 13.85 -44.32
C VAL C 484 29.80 13.83 -45.23
N ALA C 485 30.33 12.65 -45.51
CA ALA C 485 31.51 12.57 -46.39
C ALA C 485 31.13 13.23 -47.68
N PHE C 486 29.91 12.98 -48.13
CA PHE C 486 29.47 13.51 -49.40
C PHE C 486 29.42 15.03 -49.38
N ASN C 487 29.03 15.62 -48.25
CA ASN C 487 28.87 17.07 -48.16
C ASN C 487 30.18 17.82 -48.02
N LYS C 488 31.23 17.10 -47.63
CA LYS C 488 32.57 17.67 -47.66
C LYS C 488 33.34 17.18 -48.88
N SER C 489 32.64 16.51 -49.79
CA SER C 489 33.22 16.16 -51.09
C SER C 489 34.25 15.04 -51.01
N ASP C 490 34.20 14.24 -49.95
CA ASP C 490 34.94 13.00 -49.94
C ASP C 490 34.10 11.88 -50.58
N MET C 491 34.00 11.91 -51.90
CA MET C 491 33.19 10.95 -52.63
C MET C 491 33.57 9.47 -52.42
N GLN C 492 34.85 9.16 -52.40
CA GLN C 492 35.27 7.77 -52.28
C GLN C 492 34.95 7.20 -50.91
N THR C 493 35.10 8.02 -49.87
CA THR C 493 34.69 7.57 -48.55
C THR C 493 33.14 7.46 -48.44
N ALA C 494 32.42 8.42 -49.02
CA ALA C 494 30.97 8.34 -49.13
C ALA C 494 30.52 7.02 -49.75
N ILE C 495 31.06 6.69 -50.91
CA ILE C 495 30.70 5.48 -51.64
C ILE C 495 30.96 4.28 -50.74
N ASN C 496 32.12 4.26 -50.08
CA ASN C 496 32.43 3.18 -49.15
C ASN C 496 31.36 3.05 -48.08
N HIS C 497 30.93 4.17 -47.54
CA HIS C 497 29.92 4.15 -46.49
C HIS C 497 28.57 3.66 -46.98
N PHE C 498 28.16 4.12 -48.15
CA PHE C 498 26.88 3.69 -48.71
C PHE C 498 26.88 2.20 -49.07
N GLN C 499 27.99 1.74 -49.66
CA GLN C 499 28.13 0.32 -49.98
C GLN C 499 28.06 -0.57 -48.74
N ASN C 500 28.79 -0.22 -47.69
CA ASN C 500 28.68 -0.98 -46.44
C ASN C 500 27.28 -0.90 -45.84
N ALA C 501 26.65 0.25 -45.96
CA ALA C 501 25.29 0.38 -45.46
C ALA C 501 24.39 -0.63 -46.17
N LEU C 502 24.58 -0.82 -47.47
CA LEU C 502 23.83 -1.83 -48.22
C LEU C 502 24.22 -3.27 -47.89
N LEU C 503 25.49 -3.54 -47.61
CA LEU C 503 25.85 -4.86 -47.08
C LEU C 503 25.08 -5.17 -45.80
N LEU C 504 25.25 -4.31 -44.79
CA LEU C 504 24.61 -4.49 -43.50
C LEU C 504 23.11 -4.68 -43.63
N VAL C 505 22.49 -3.94 -44.53
CA VAL C 505 21.05 -3.95 -44.63
C VAL C 505 20.54 -5.31 -45.08
N LYS C 506 21.29 -5.97 -45.97
CA LYS C 506 20.93 -7.31 -46.41
C LYS C 506 20.84 -8.30 -45.26
N LYS C 507 21.75 -8.18 -44.30
CA LYS C 507 21.76 -9.04 -43.11
C LYS C 507 20.60 -8.75 -42.15
N THR C 508 19.91 -7.63 -42.31
CA THR C 508 18.86 -7.24 -41.36
C THR C 508 17.49 -7.84 -41.67
N GLN C 509 16.47 -7.41 -40.94
CA GLN C 509 15.08 -7.75 -41.28
C GLN C 509 14.31 -6.45 -41.36
N SER C 510 14.89 -5.47 -42.04
CA SER C 510 14.31 -4.14 -42.08
C SER C 510 13.31 -4.09 -43.21
N ASN C 511 12.41 -3.11 -43.13
CA ASN C 511 11.59 -2.68 -44.25
C ASN C 511 12.50 -2.00 -45.28
N GLU C 512 12.29 -2.33 -46.55
CA GLU C 512 13.24 -1.95 -47.57
C GLU C 512 12.99 -0.60 -48.26
N LYS C 513 11.77 -0.09 -48.22
CA LYS C 513 11.46 1.19 -48.86
C LYS C 513 12.26 2.38 -48.31
N PRO C 514 12.64 2.35 -47.03
CA PRO C 514 13.39 3.55 -46.61
C PRO C 514 14.80 3.56 -47.17
N TRP C 515 15.39 2.37 -47.38
CA TRP C 515 16.74 2.26 -47.91
C TRP C 515 16.91 2.65 -49.37
N ALA C 516 15.81 2.88 -50.06
CA ALA C 516 15.87 3.51 -51.36
C ALA C 516 16.73 4.78 -51.26
N ALA C 517 16.70 5.45 -50.12
CA ALA C 517 17.50 6.67 -49.97
C ALA C 517 18.99 6.38 -50.03
N THR C 518 19.41 5.22 -49.56
CA THR C 518 20.83 4.86 -49.57
C THR C 518 21.25 4.48 -50.98
N TRP C 519 20.39 3.80 -51.71
CA TRP C 519 20.67 3.50 -53.12
C TRP C 519 20.84 4.76 -53.93
N ALA C 520 19.93 5.72 -53.75
CA ALA C 520 20.07 6.96 -54.48
C ALA C 520 21.32 7.73 -54.04
N ASN C 521 21.62 7.72 -52.74
CA ASN C 521 22.84 8.36 -52.23
C ASN C 521 24.10 7.83 -52.88
N LEU C 522 24.13 6.50 -53.04
CA LEU C 522 25.23 5.83 -53.71
C LEU C 522 25.31 6.31 -55.15
N GLY C 523 24.17 6.49 -55.79
CA GLY C 523 24.13 6.98 -57.16
C GLY C 523 24.62 8.40 -57.25
N HIS C 524 24.30 9.21 -56.24
CA HIS C 524 24.72 10.61 -56.25
C HIS C 524 26.25 10.71 -56.09
N ALA C 525 26.84 9.86 -55.26
CA ALA C 525 28.28 9.84 -55.09
C ALA C 525 28.94 9.43 -56.41
N TYR C 526 28.42 8.39 -57.03
CA TYR C 526 28.92 7.93 -58.34
C TYR C 526 28.86 9.04 -59.39
N ARG C 527 27.77 9.81 -59.38
CA ARG C 527 27.58 10.91 -60.31
C ARG C 527 28.68 11.96 -60.17
N LYS C 528 29.07 12.18 -58.91
CA LYS C 528 30.04 13.21 -58.58
C LYS C 528 31.47 12.82 -58.97
N LEU C 529 31.72 11.51 -59.04
CA LEU C 529 33.01 10.98 -59.51
C LEU C 529 33.00 10.71 -60.99
N LYS C 530 32.11 11.38 -61.71
CA LYS C 530 31.95 11.12 -63.14
C LYS C 530 31.75 9.65 -63.52
N MET C 531 31.42 8.77 -62.58
CA MET C 531 31.21 7.37 -63.01
C MET C 531 29.72 7.02 -63.19
N TYR C 532 29.25 7.31 -64.40
CA TYR C 532 27.83 7.44 -64.71
C TYR C 532 27.04 6.14 -64.90
N ASP C 533 27.71 5.08 -65.34
CA ASP C 533 27.02 3.80 -65.48
C ASP C 533 26.71 3.17 -64.11
N ALA C 534 27.56 3.42 -63.12
CA ALA C 534 27.33 2.93 -61.78
C ALA C 534 26.19 3.74 -61.15
N ALA C 535 26.22 5.06 -61.38
CA ALA C 535 25.18 5.97 -60.94
C ALA C 535 23.79 5.54 -61.43
N ILE C 536 23.65 5.27 -62.73
CA ILE C 536 22.36 4.84 -63.29
C ILE C 536 21.85 3.60 -62.57
N ASP C 537 22.69 2.58 -62.46
CA ASP C 537 22.30 1.36 -61.78
C ASP C 537 21.76 1.60 -60.35
N ALA C 538 22.51 2.36 -59.54
CA ALA C 538 22.14 2.59 -58.13
C ALA C 538 20.89 3.46 -58.01
N LEU C 539 20.86 4.52 -58.82
CA LEU C 539 19.70 5.41 -58.90
C LEU C 539 18.45 4.61 -59.23
N ASN C 540 18.58 3.69 -60.16
CA ASN C 540 17.44 2.88 -60.52
C ASN C 540 17.06 1.89 -59.44
N GLN C 541 18.05 1.29 -58.83
CA GLN C 541 17.80 0.44 -57.69
C GLN C 541 17.08 1.31 -56.63
N GLY C 542 17.32 2.63 -56.72
CA GLY C 542 16.73 3.62 -55.84
C GLY C 542 15.23 3.75 -55.92
N LEU C 543 14.69 4.18 -57.06
CA LEU C 543 13.23 4.36 -57.18
C LEU C 543 12.47 3.04 -57.21
N LEU C 544 13.18 1.97 -57.55
CA LEU C 544 12.61 0.63 -57.45
C LEU C 544 11.99 0.43 -56.07
N LEU C 545 12.72 0.81 -55.03
CA LEU C 545 12.25 0.66 -53.66
C LEU C 545 11.20 1.72 -53.27
N SER C 546 11.17 2.84 -53.97
CA SER C 546 10.12 3.84 -53.75
C SER C 546 9.83 4.56 -55.06
N THR C 547 8.75 4.16 -55.72
CA THR C 547 8.54 4.49 -57.13
C THR C 547 7.99 5.90 -57.39
N ASN C 548 7.33 6.46 -56.38
CA ASN C 548 6.69 7.77 -56.46
C ASN C 548 7.63 8.95 -56.15
N ASP C 549 8.78 9.01 -56.82
CA ASP C 549 9.85 9.94 -56.41
C ASP C 549 10.45 10.86 -57.50
N ALA C 550 10.12 12.14 -57.44
CA ALA C 550 10.51 13.09 -58.49
C ALA C 550 12.01 13.38 -58.52
N ASN C 551 12.65 13.36 -57.36
CA ASN C 551 14.03 13.81 -57.26
C ASN C 551 14.99 12.84 -57.92
N VAL C 552 14.75 11.54 -57.76
CA VAL C 552 15.63 10.56 -58.41
C VAL C 552 15.45 10.53 -59.92
N HIS C 553 14.25 10.86 -60.39
CA HIS C 553 14.06 11.03 -61.84
C HIS C 553 14.89 12.20 -62.34
N THR C 554 14.83 13.31 -61.63
CA THR C 554 15.69 14.47 -61.89
C THR C 554 17.16 14.05 -61.81
N ALA C 555 17.53 13.35 -60.73
CA ALA C 555 18.85 12.78 -60.57
C ALA C 555 19.26 12.01 -61.82
N ILE C 556 18.48 10.98 -62.15
CA ILE C 556 18.72 10.15 -63.35
C ILE C 556 18.84 10.97 -64.63
N ALA C 557 17.90 11.90 -64.83
CA ALA C 557 17.93 12.77 -65.99
C ALA C 557 19.28 13.46 -66.13
N LEU C 558 19.74 14.10 -65.05
CA LEU C 558 21.01 14.82 -65.07
C LEU C 558 22.17 13.90 -65.43
N VAL C 559 22.12 12.65 -64.96
CA VAL C 559 23.18 11.71 -65.30
C VAL C 559 23.12 11.35 -66.78
N TYR C 560 21.95 11.54 -67.40
CA TYR C 560 21.83 11.25 -68.82
C TYR C 560 22.41 12.38 -69.65
N LEU C 561 22.08 13.60 -69.28
CA LEU C 561 22.69 14.77 -69.89
C LEU C 561 24.22 14.62 -69.88
N HIS C 562 24.78 14.26 -68.74
CA HIS C 562 26.21 14.00 -68.68
C HIS C 562 26.66 12.93 -69.66
N LYS C 563 25.84 11.89 -69.84
CA LYS C 563 26.17 10.81 -70.77
C LYS C 563 25.82 11.23 -72.19
N LYS C 564 25.47 12.51 -72.34
CA LYS C 564 25.16 13.06 -73.65
C LYS C 564 24.06 12.24 -74.32
N ILE C 565 23.05 11.85 -73.56
CA ILE C 565 21.85 11.22 -74.13
C ILE C 565 20.60 12.01 -73.72
N PRO C 566 20.42 13.19 -74.33
CA PRO C 566 19.33 14.14 -74.05
C PRO C 566 17.94 13.51 -74.08
N GLY C 567 17.73 12.50 -74.90
CA GLY C 567 16.41 11.90 -75.09
C GLY C 567 15.89 11.14 -73.89
N LEU C 568 16.76 10.39 -73.23
CA LEU C 568 16.40 9.62 -72.04
C LEU C 568 16.30 10.55 -70.84
N ALA C 569 17.10 11.61 -70.88
CA ALA C 569 17.00 12.61 -69.84
C ALA C 569 15.61 13.22 -69.94
N ILE C 570 15.12 13.42 -71.15
CA ILE C 570 13.83 14.05 -71.37
C ILE C 570 12.67 13.19 -70.85
N THR C 571 12.69 11.90 -71.16
CA THR C 571 11.61 11.03 -70.70
C THR C 571 11.55 10.99 -69.18
N HIS C 572 12.70 11.10 -68.53
CA HIS C 572 12.77 11.04 -67.06
C HIS C 572 12.35 12.34 -66.42
N LEU C 573 12.72 13.45 -67.06
CA LEU C 573 12.30 14.76 -66.59
C LEU C 573 10.79 14.92 -66.76
N HIS C 574 10.22 14.23 -67.75
CA HIS C 574 8.77 14.20 -67.91
C HIS C 574 8.11 13.50 -66.73
N GLU C 575 8.64 12.34 -66.35
CA GLU C 575 8.08 11.58 -65.24
C GLU C 575 8.10 12.37 -63.94
N SER C 576 9.19 13.09 -63.69
CA SER C 576 9.31 13.82 -62.44
C SER C 576 8.52 15.13 -62.43
N LEU C 577 8.36 15.75 -63.59
CA LEU C 577 7.52 16.95 -63.69
C LEU C 577 6.05 16.60 -63.50
N ALA C 578 5.66 15.40 -63.89
CA ALA C 578 4.29 14.93 -63.67
C ALA C 578 4.07 14.59 -62.20
N ILE C 579 5.12 14.10 -61.53
CA ILE C 579 5.05 13.80 -60.10
C ILE C 579 5.02 15.06 -59.24
N SER C 580 5.87 16.03 -59.56
CA SER C 580 5.90 17.32 -58.89
C SER C 580 5.97 18.43 -59.94
N PRO C 581 4.80 18.96 -60.33
CA PRO C 581 4.65 19.85 -61.49
C PRO C 581 5.36 21.19 -61.37
N ASN C 582 5.70 21.59 -60.16
CA ASN C 582 6.26 22.92 -59.94
C ASN C 582 7.80 22.93 -59.86
N GLU C 583 8.38 21.74 -59.72
CA GLU C 583 9.82 21.60 -59.52
C GLU C 583 10.65 22.58 -60.34
N ILE C 584 11.38 23.44 -59.64
CA ILE C 584 12.20 24.47 -60.27
C ILE C 584 13.43 23.90 -60.99
N MET C 585 14.08 22.91 -60.36
CA MET C 585 15.26 22.28 -60.95
C MET C 585 14.90 21.36 -62.10
N ALA C 586 13.80 20.63 -61.95
CA ALA C 586 13.31 19.79 -63.02
C ALA C 586 13.12 20.65 -64.26
N SER C 587 12.36 21.73 -64.10
CA SER C 587 11.99 22.58 -65.23
C SER C 587 13.21 23.16 -65.96
N ASP C 588 14.13 23.76 -65.21
CA ASP C 588 15.35 24.31 -65.80
C ASP C 588 16.16 23.22 -66.48
N LEU C 589 16.41 22.15 -65.74
CA LEU C 589 17.16 21.01 -66.25
C LEU C 589 16.53 20.46 -67.54
N LEU C 590 15.21 20.59 -67.65
CA LEU C 590 14.51 20.10 -68.84
C LEU C 590 14.81 20.93 -70.08
N LYS C 591 14.51 22.23 -70.01
CA LYS C 591 14.75 23.12 -71.14
C LYS C 591 16.10 22.84 -71.80
N ARG C 592 17.11 22.56 -70.97
CA ARG C 592 18.46 22.32 -71.47
C ARG C 592 18.60 21.01 -72.26
N ALA C 593 17.92 19.96 -71.81
CA ALA C 593 17.96 18.69 -72.51
C ALA C 593 17.32 18.80 -73.89
N LEU C 594 16.35 19.70 -74.03
CA LEU C 594 15.63 19.88 -75.28
C LEU C 594 16.58 20.08 -76.48
N GLU C 595 16.53 19.12 -77.40
CA GLU C 595 17.35 19.12 -78.61
C GLU C 595 16.50 19.00 -79.87
N MET D 2 14.17 1.49 -28.80
CA MET D 2 14.10 2.85 -29.31
C MET D 2 13.57 2.98 -30.74
N LEU D 3 12.64 3.91 -30.94
CA LEU D 3 12.17 4.27 -32.25
C LEU D 3 13.32 4.74 -33.14
N ARG D 4 13.38 4.21 -34.35
CA ARG D 4 14.39 4.65 -35.30
C ARG D 4 13.77 5.66 -36.24
N ARG D 5 14.57 6.17 -37.16
CA ARG D 5 14.03 6.93 -38.26
C ARG D 5 14.74 6.58 -39.56
N ASN D 6 14.35 7.23 -40.64
CA ASN D 6 14.81 6.85 -41.97
C ASN D 6 16.07 7.54 -42.47
N PRO D 7 16.87 6.80 -43.26
CA PRO D 7 18.08 7.33 -43.89
C PRO D 7 17.83 8.68 -44.53
N THR D 8 18.67 9.66 -44.22
CA THR D 8 18.72 10.92 -44.93
C THR D 8 18.97 10.67 -46.43
N ALA D 9 18.42 11.55 -47.26
CA ALA D 9 18.57 11.40 -48.68
C ALA D 9 19.25 12.63 -49.25
N ILE D 10 20.41 12.44 -49.87
CA ILE D 10 20.96 13.51 -50.68
C ILE D 10 19.94 13.84 -51.78
N GLN D 11 19.75 15.13 -52.07
CA GLN D 11 18.82 15.58 -53.10
C GLN D 11 19.55 16.30 -54.20
N ILE D 12 18.87 16.53 -55.33
CA ILE D 12 19.47 17.30 -56.42
C ILE D 12 19.42 18.80 -56.15
N THR D 13 20.54 19.48 -56.41
CA THR D 13 20.70 20.90 -56.09
C THR D 13 20.90 21.79 -57.32
N ALA D 14 20.57 23.08 -57.18
CA ALA D 14 20.86 24.06 -58.21
C ALA D 14 22.36 24.07 -58.50
N GLU D 15 23.16 23.88 -57.46
CA GLU D 15 24.61 23.78 -57.65
C GLU D 15 24.89 22.62 -58.60
N ASP D 16 23.99 21.64 -58.59
CA ASP D 16 24.14 20.47 -59.44
C ASP D 16 23.88 20.78 -60.92
N VAL D 17 22.89 21.64 -61.17
CA VAL D 17 22.62 22.09 -62.52
C VAL D 17 23.76 22.98 -62.99
N LEU D 18 24.18 23.90 -62.11
CA LEU D 18 25.33 24.77 -62.35
C LEU D 18 26.57 23.94 -62.63
N ALA D 19 26.76 22.91 -61.81
CA ALA D 19 27.86 21.97 -62.01
C ALA D 19 27.86 21.43 -63.44
N TYR D 20 26.68 21.02 -63.92
CA TYR D 20 26.54 20.52 -65.28
C TYR D 20 26.93 21.60 -66.29
N ASP D 21 26.37 22.79 -66.10
CA ASP D 21 26.61 23.93 -66.98
C ASP D 21 28.09 24.22 -67.18
N GLU D 22 28.94 23.54 -66.41
CA GLU D 22 30.35 23.46 -66.77
C GLU D 22 30.48 22.44 -67.90
N GLU D 23 29.66 22.63 -68.93
CA GLU D 23 29.70 21.85 -70.17
C GLU D 23 30.76 22.45 -71.10
N LYS D 24 31.14 23.69 -70.81
CA LYS D 24 32.21 24.38 -71.53
C LYS D 24 33.57 23.76 -71.21
#